data_7NU5
#
_entry.id   7NU5
#
_cell.length_a   49.469
_cell.length_b   81.526
_cell.length_c   227.154
_cell.angle_alpha   90.000
_cell.angle_beta   90.000
_cell.angle_gamma   90.000
#
_symmetry.space_group_name_H-M   'P 21 21 21'
#
loop_
_entity.id
_entity.type
_entity.pdbx_description
1 polymer 'Leucine--tRNA ligase'
2 non-polymer LEUCINE
3 non-polymer 'ZINC ION'
4 non-polymer 'MAGNESIUM ION'
5 water water
#
_entity_poly.entity_id   1
_entity_poly.type   'polypeptide(L)'
_entity_poly.pdbx_seq_one_letter_code
;GMQEHYQPAAIEPAAQKKWDDARISNVSEDASKPKYYCLSMFPYPSGKLHMGHVRNYTIGDVLSRFKLLNGFNVMQPMGW
DAFGMPAENAAMKNNVAPAAWTYDNIEYMKTQLKSLGFAVDWEREVATCKPEYYRWEQWLFTKLFEKGIVYRKNGTVNWD
PVDQTVLANEQVIDGRGWRSGALIEKREIPMYYFKITDYAEELLNDLDKLEHWPEQVKTMQRNWIGKSRGMTVRFAVSDD
SKQGLEGDYAKFLQVYTTRPDTLMGATYVAVAAEHPLATAAAADKPELQAFIAECKAGSVAEADMATMEKKGVPTGRYVV
NPLNGDKLEVWIANYVLWGYGDGAVMAVPAHDERDFEFAAKYNLPKKQVIAVGDNAFDANRWQEWYGDKENGVLVNSGDL
DGLDFQTAFDAVAAKLQSQGAGEPKTQYRLRDWGISRQRYWGCPIPIVHCEKCGNVPVPADQLPVVLPENVVPDGMGSPL
AKMPEFYETSCPCCGGAAKRETDTMDTFIESSWYFFRYMSPKFSDGMVSAESAKYWGAVDQYIGGIEHAILHLLYARFFT
KLMRDEGLVNVDEPFERLLTQGMVVCETYYRENDKGGKDWINPADVELTFDDKGRPVSAVLKADGLPVVISGTEKMSKSK
NNGVDPQELINAYGADTARLFMMFAAPPEQSLEWSDSGVEGAHRFLRRLWRTVYEYLKQGGAVKAFAGNQDGLSKELKDL
RHKLHSTTAKVSDDYGRRQQFNTAIAAVMELLNQYDKTDTGSEQGRAVAQEVLEAAVRLLWPIVPHICETLWSELNGAKL
WEAGWPTVDEAALVKSEIEVMVQVNGKLRGKITVAADASKADLEAAALANEGAVKFMEGKPAKKIIVVPGRLVNIVV
;
_entity_poly.pdbx_strand_id   A
#
# COMPACT_ATOMS: atom_id res chain seq x y z
N MET A 2 4.96 -11.75 43.75
CA MET A 2 5.53 -11.04 42.57
C MET A 2 7.05 -11.05 42.66
N GLN A 3 7.73 -11.40 41.56
CA GLN A 3 9.21 -11.36 41.56
C GLN A 3 9.66 -9.90 41.52
N GLU A 4 10.87 -9.63 42.01
CA GLU A 4 11.38 -8.25 42.06
C GLU A 4 11.93 -7.86 40.69
N HIS A 5 12.41 -8.85 39.95
CA HIS A 5 13.09 -8.55 38.65
C HIS A 5 12.20 -8.92 37.46
N TYR A 6 12.23 -8.09 36.42
CA TYR A 6 11.45 -8.38 35.19
C TYR A 6 12.09 -9.58 34.49
N GLN A 7 11.37 -10.69 34.39
CA GLN A 7 11.89 -11.87 33.66
C GLN A 7 11.04 -12.07 32.40
N PRO A 8 11.30 -11.45 31.21
CA PRO A 8 10.37 -11.65 30.07
C PRO A 8 10.26 -13.11 29.65
N ALA A 9 11.37 -13.85 29.63
CA ALA A 9 11.31 -15.24 29.23
C ALA A 9 10.41 -16.08 30.14
N ALA A 10 10.12 -15.59 31.35
CA ALA A 10 9.19 -16.28 32.21
C ALA A 10 7.74 -15.96 31.83
N ILE A 11 7.37 -14.69 31.93
CA ILE A 11 5.95 -14.31 31.86
C ILE A 11 5.38 -14.36 30.45
N GLU A 12 6.21 -14.24 29.41
CA GLU A 12 5.67 -14.17 28.06
C GLU A 12 5.02 -15.48 27.60
N PRO A 13 5.64 -16.65 27.78
CA PRO A 13 4.93 -17.89 27.41
C PRO A 13 3.67 -18.14 28.24
N ALA A 14 3.69 -17.80 29.54
CA ALA A 14 2.50 -18.05 30.36
C ALA A 14 1.36 -17.11 29.98
N ALA A 15 1.66 -15.85 29.70
CA ALA A 15 0.63 -14.93 29.22
C ALA A 15 -0.02 -15.48 27.95
N GLN A 16 0.81 -15.80 26.94
CA GLN A 16 0.29 -16.41 25.71
C GLN A 16 -0.60 -17.60 26.03
N LYS A 17 -0.13 -18.48 26.93
CA LYS A 17 -0.94 -19.64 27.34
C LYS A 17 -2.27 -19.21 27.95
N LYS A 18 -2.26 -18.14 28.77
CA LYS A 18 -3.52 -17.63 29.30
C LYS A 18 -4.42 -17.09 28.19
N TRP A 19 -3.87 -16.28 27.28
CA TRP A 19 -4.66 -15.79 26.16
C TRP A 19 -5.16 -16.95 25.30
N ASP A 20 -4.26 -17.89 24.97
CA ASP A 20 -4.66 -19.07 24.22
C ASP A 20 -5.79 -19.81 24.92
N ASP A 21 -5.60 -20.17 26.19
CA ASP A 21 -6.62 -20.93 26.92
C ASP A 21 -7.93 -20.15 26.99
N ALA A 22 -7.87 -18.83 27.13
CA ALA A 22 -9.08 -18.03 27.16
C ALA A 22 -9.73 -17.93 25.79
N ARG A 23 -8.97 -18.18 24.72
CA ARG A 23 -9.46 -18.07 23.35
C ARG A 23 -10.08 -16.70 23.10
N ILE A 24 -9.40 -15.65 23.57
CA ILE A 24 -9.88 -14.30 23.34
C ILE A 24 -9.78 -13.93 21.86
N SER A 25 -8.83 -14.53 21.13
CA SER A 25 -8.61 -14.21 19.72
C SER A 25 -9.36 -15.12 18.77
N ASN A 26 -9.77 -16.30 19.20
CA ASN A 26 -10.58 -17.21 18.39
C ASN A 26 -12.01 -16.69 18.42
N VAL A 27 -12.41 -15.99 17.36
CA VAL A 27 -13.72 -15.34 17.33
C VAL A 27 -14.57 -15.98 16.23
N SER A 28 -15.87 -15.86 16.41
CA SER A 28 -16.88 -16.37 15.49
C SER A 28 -17.76 -15.21 15.03
N GLU A 29 -18.74 -15.54 14.19
CA GLU A 29 -19.70 -14.54 13.70
C GLU A 29 -20.75 -14.30 14.78
N ASP A 30 -20.31 -13.62 15.83
CA ASP A 30 -21.12 -13.44 17.05
C ASP A 30 -21.86 -12.10 16.95
N ALA A 31 -23.15 -12.17 16.64
CA ALA A 31 -23.99 -10.98 16.59
C ALA A 31 -24.10 -10.29 17.95
N SER A 32 -23.69 -10.93 19.03
CA SER A 32 -23.71 -10.33 20.36
C SER A 32 -22.55 -9.37 20.60
N LYS A 33 -21.86 -8.95 19.54
CA LYS A 33 -20.70 -8.08 19.69
C LYS A 33 -20.44 -7.40 18.35
N PRO A 34 -20.11 -6.10 18.34
CA PRO A 34 -19.85 -5.43 17.06
C PRO A 34 -18.52 -5.87 16.48
N LYS A 35 -18.54 -6.21 15.19
CA LYS A 35 -17.37 -6.77 14.54
C LYS A 35 -16.34 -5.68 14.24
N TYR A 36 -15.08 -6.07 14.29
CA TYR A 36 -13.97 -5.26 13.80
C TYR A 36 -12.96 -6.20 13.17
N TYR A 37 -12.59 -5.90 11.92
CA TYR A 37 -11.70 -6.75 11.11
C TYR A 37 -10.43 -5.95 10.84
N CYS A 38 -9.37 -6.29 11.55
CA CYS A 38 -8.06 -5.69 11.39
C CYS A 38 -7.16 -6.71 10.70
N LEU A 39 -6.57 -6.32 9.57
CA LEU A 39 -5.82 -7.23 8.72
C LEU A 39 -4.47 -6.64 8.38
N SER A 40 -3.42 -7.42 8.59
CA SER A 40 -2.09 -7.13 8.09
C SER A 40 -1.81 -8.01 6.87
N MET A 41 -1.05 -7.45 5.91
CA MET A 41 -0.70 -8.16 4.68
C MET A 41 0.03 -9.45 5.01
N PHE A 42 -0.56 -10.58 4.64
CA PHE A 42 0.01 -11.87 5.00
C PHE A 42 1.35 -12.10 4.30
N PRO A 43 2.25 -12.84 4.94
CA PRO A 43 3.64 -12.92 4.46
C PRO A 43 3.89 -14.05 3.47
N TYR A 44 4.97 -13.87 2.71
CA TYR A 44 5.56 -14.99 1.98
C TYR A 44 6.30 -15.90 2.96
N PRO A 45 5.93 -17.18 3.07
CA PRO A 45 6.70 -18.09 3.94
C PRO A 45 8.07 -18.43 3.37
N SER A 46 8.96 -17.45 3.34
CA SER A 46 10.24 -17.63 2.67
C SER A 46 11.34 -18.13 3.61
N GLY A 47 11.02 -18.37 4.88
CA GLY A 47 12.02 -18.84 5.82
C GLY A 47 11.80 -18.36 7.23
N LYS A 48 12.26 -17.15 7.53
CA LYS A 48 12.12 -16.56 8.86
C LYS A 48 11.38 -15.23 8.75
N LEU A 49 11.12 -14.63 9.91
CA LEU A 49 10.61 -13.29 9.97
C LEU A 49 11.76 -12.29 9.96
N HIS A 50 11.51 -11.13 9.38
CA HIS A 50 12.42 -10.00 9.39
C HIS A 50 11.75 -8.84 10.11
N MET A 51 12.53 -7.82 10.43
CA MET A 51 11.99 -6.72 11.23
C MET A 51 10.77 -6.07 10.57
N GLY A 52 10.67 -6.14 9.24
CA GLY A 52 9.49 -5.61 8.59
C GLY A 52 8.22 -6.34 9.00
N HIS A 53 8.28 -7.68 8.99
CA HIS A 53 7.19 -8.49 9.52
C HIS A 53 6.83 -8.09 10.94
N VAL A 54 7.85 -7.95 11.80
CA VAL A 54 7.57 -7.68 13.21
C VAL A 54 6.94 -6.30 13.37
N ARG A 55 7.38 -5.32 12.57
CA ARG A 55 6.78 -4.01 12.66
C ARG A 55 5.35 -4.03 12.15
N ASN A 56 5.13 -4.57 10.96
CA ASN A 56 3.80 -4.63 10.38
C ASN A 56 2.82 -5.29 11.34
N TYR A 57 3.19 -6.45 11.87
CA TYR A 57 2.26 -7.25 12.65
C TYR A 57 2.09 -6.73 14.07
N THR A 58 3.08 -6.02 14.61
CA THR A 58 2.87 -5.35 15.89
C THR A 58 1.92 -4.15 15.73
N ILE A 59 2.00 -3.44 14.60
CA ILE A 59 1.08 -2.33 14.37
C ILE A 59 -0.36 -2.85 14.30
N GLY A 60 -0.59 -3.90 13.51
CA GLY A 60 -1.91 -4.48 13.46
C GLY A 60 -2.39 -5.00 14.80
N ASP A 61 -1.46 -5.48 15.64
CA ASP A 61 -1.85 -6.06 16.91
C ASP A 61 -2.20 -4.98 17.94
N VAL A 62 -1.49 -3.85 17.90
CA VAL A 62 -1.86 -2.72 18.75
C VAL A 62 -3.27 -2.27 18.44
N LEU A 63 -3.56 -2.04 17.16
CA LEU A 63 -4.90 -1.63 16.76
C LEU A 63 -5.92 -2.69 17.14
N SER A 64 -5.60 -3.97 16.89
CA SER A 64 -6.51 -5.05 17.22
C SER A 64 -6.82 -5.08 18.72
N ARG A 65 -5.77 -5.03 19.55
CA ARG A 65 -5.97 -5.13 21.00
C ARG A 65 -6.69 -3.91 21.55
N PHE A 66 -6.44 -2.74 20.98
CA PHE A 66 -7.13 -1.53 21.41
C PHE A 66 -8.63 -1.66 21.18
N LYS A 67 -9.03 -2.08 19.98
CA LYS A 67 -10.44 -2.34 19.71
C LYS A 67 -10.98 -3.45 20.60
N LEU A 68 -10.15 -4.47 20.86
CA LEU A 68 -10.57 -5.54 21.74
C LEU A 68 -10.94 -5.01 23.12
N LEU A 69 -10.08 -4.17 23.71
CA LEU A 69 -10.37 -3.61 25.01
C LEU A 69 -11.57 -2.66 24.97
N ASN A 70 -11.96 -2.21 23.78
CA ASN A 70 -13.20 -1.46 23.64
C ASN A 70 -14.39 -2.36 23.31
N GLY A 71 -14.25 -3.66 23.53
CA GLY A 71 -15.36 -4.59 23.43
C GLY A 71 -15.72 -5.05 22.02
N PHE A 72 -14.95 -4.68 21.02
CA PHE A 72 -15.27 -5.12 19.66
C PHE A 72 -14.99 -6.61 19.49
N ASN A 73 -15.74 -7.23 18.59
CA ASN A 73 -15.45 -8.59 18.14
C ASN A 73 -14.38 -8.49 17.05
N VAL A 74 -13.12 -8.72 17.41
CA VAL A 74 -11.99 -8.39 16.56
C VAL A 74 -11.46 -9.68 15.91
N MET A 75 -11.44 -9.69 14.57
CA MET A 75 -10.78 -10.75 13.82
C MET A 75 -9.46 -10.22 13.30
N GLN A 76 -8.36 -10.82 13.73
CA GLN A 76 -7.01 -10.52 13.24
C GLN A 76 -6.44 -11.82 12.70
N PRO A 77 -6.70 -12.14 11.43
CA PRO A 77 -6.25 -13.42 10.87
C PRO A 77 -4.83 -13.36 10.31
N MET A 78 -4.24 -14.55 10.17
CA MET A 78 -2.93 -14.70 9.55
C MET A 78 -2.91 -15.94 8.67
N GLY A 79 -1.95 -15.95 7.76
CA GLY A 79 -1.89 -16.97 6.71
C GLY A 79 -0.71 -16.71 5.81
N TRP A 80 -0.57 -17.57 4.81
CA TRP A 80 0.70 -17.68 4.08
C TRP A 80 0.49 -17.51 2.58
N ASP A 81 1.07 -16.46 2.04
CA ASP A 81 1.10 -16.18 0.61
C ASP A 81 2.29 -16.95 0.06
N ALA A 82 2.04 -18.21 -0.27
CA ALA A 82 3.08 -19.24 -0.32
C ALA A 82 3.53 -19.65 -1.72
N PHE A 83 2.84 -19.18 -2.78
CA PHE A 83 3.25 -19.43 -4.17
C PHE A 83 4.25 -18.37 -4.62
N GLY A 84 5.01 -18.70 -5.66
CA GLY A 84 5.95 -17.75 -6.20
C GLY A 84 7.32 -18.35 -6.39
N MET A 85 8.27 -17.47 -6.71
CA MET A 85 9.63 -17.83 -7.10
C MET A 85 10.54 -18.23 -5.94
N PRO A 86 10.45 -17.57 -4.74
CA PRO A 86 11.29 -17.99 -3.61
C PRO A 86 11.45 -19.49 -3.44
N ALA A 87 10.34 -20.21 -3.35
CA ALA A 87 10.39 -21.67 -3.23
C ALA A 87 11.04 -22.30 -4.45
N GLU A 88 10.63 -21.85 -5.64
CA GLU A 88 11.20 -22.39 -6.87
C GLU A 88 12.70 -22.18 -6.93
N ASN A 89 13.18 -21.06 -6.39
CA ASN A 89 14.62 -20.80 -6.37
C ASN A 89 15.31 -21.70 -5.35
N ALA A 90 14.74 -21.81 -4.15
CA ALA A 90 15.29 -22.72 -3.16
C ALA A 90 15.29 -24.17 -3.64
N ALA A 91 14.33 -24.52 -4.50
CA ALA A 91 14.28 -25.87 -5.05
C ALA A 91 15.46 -26.13 -5.96
N MET A 92 15.87 -25.13 -6.74
CA MET A 92 17.09 -25.28 -7.53
C MET A 92 18.31 -25.29 -6.63
N LYS A 93 18.32 -24.47 -5.58
CA LYS A 93 19.52 -24.32 -4.76
C LYS A 93 19.78 -25.55 -3.89
N ASN A 94 18.73 -26.27 -3.49
CA ASN A 94 18.89 -27.33 -2.49
C ASN A 94 18.31 -28.67 -2.90
N ASN A 95 17.79 -28.82 -4.13
CA ASN A 95 17.16 -30.05 -4.59
C ASN A 95 16.07 -30.53 -3.63
N VAL A 96 15.20 -29.61 -3.24
CA VAL A 96 14.05 -29.92 -2.41
C VAL A 96 12.81 -29.40 -3.12
N ALA A 97 11.69 -30.06 -2.89
CA ALA A 97 10.45 -29.66 -3.52
C ALA A 97 10.01 -28.31 -2.96
N PRO A 98 9.41 -27.45 -3.78
CA PRO A 98 8.98 -26.14 -3.27
C PRO A 98 7.91 -26.24 -2.21
N ALA A 99 7.00 -27.23 -2.30
CA ALA A 99 6.03 -27.44 -1.24
C ALA A 99 6.71 -27.70 0.10
N ALA A 100 7.55 -28.73 0.15
CA ALA A 100 8.21 -29.08 1.41
C ALA A 100 9.02 -27.92 1.95
N TRP A 101 9.54 -27.06 1.08
CA TRP A 101 10.34 -25.93 1.55
C TRP A 101 9.48 -24.82 2.13
N THR A 102 8.27 -24.59 1.63
CA THR A 102 7.46 -23.54 2.25
C THR A 102 6.83 -24.05 3.56
N TYR A 103 6.34 -25.28 3.57
CA TYR A 103 5.72 -25.82 4.78
C TYR A 103 6.69 -25.77 5.95
N ASP A 104 7.94 -26.15 5.73
CA ASP A 104 8.97 -25.99 6.76
C ASP A 104 9.11 -24.53 7.18
N ASN A 105 9.05 -23.61 6.22
CA ASN A 105 9.10 -22.20 6.59
C ASN A 105 7.84 -21.79 7.33
N ILE A 106 6.70 -22.39 7.00
CA ILE A 106 5.44 -21.98 7.61
C ILE A 106 5.45 -22.31 9.10
N GLU A 107 5.68 -23.59 9.43
CA GLU A 107 5.65 -24.00 10.83
C GLU A 107 6.73 -23.30 11.64
N TYR A 108 7.83 -22.90 11.01
CA TYR A 108 8.82 -22.11 11.72
C TYR A 108 8.34 -20.68 11.94
N MET A 109 7.89 -20.01 10.88
CA MET A 109 7.43 -18.64 11.03
C MET A 109 6.15 -18.55 11.86
N LYS A 110 5.35 -19.62 11.88
CA LYS A 110 4.14 -19.62 12.70
C LYS A 110 4.47 -19.59 14.20
N THR A 111 5.40 -20.46 14.64
CA THR A 111 5.86 -20.40 16.02
C THR A 111 6.61 -19.12 16.30
N GLN A 112 7.33 -18.58 15.31
CA GLN A 112 7.95 -17.28 15.47
C GLN A 112 6.90 -16.19 15.74
N LEU A 113 5.77 -16.25 15.05
CA LEU A 113 4.73 -15.24 15.25
C LEU A 113 4.02 -15.46 16.57
N LYS A 114 3.60 -16.70 16.86
CA LYS A 114 3.01 -16.99 18.15
C LYS A 114 3.92 -16.52 19.28
N SER A 115 5.23 -16.63 19.08
CA SER A 115 6.20 -16.17 20.07
C SER A 115 6.02 -14.69 20.40
N LEU A 116 5.67 -13.87 19.40
CA LEU A 116 5.53 -12.44 19.60
C LEU A 116 4.23 -12.03 20.27
N GLY A 117 3.31 -12.97 20.49
CA GLY A 117 2.10 -12.67 21.22
C GLY A 117 1.07 -11.84 20.49
N PHE A 118 1.03 -11.91 19.17
CA PHE A 118 -0.02 -11.23 18.42
C PHE A 118 -1.36 -11.91 18.67
N ALA A 119 -2.42 -11.11 18.82
CA ALA A 119 -3.74 -11.64 19.14
C ALA A 119 -4.43 -12.05 17.85
N VAL A 120 -4.08 -13.25 17.37
CA VAL A 120 -4.38 -13.73 16.02
C VAL A 120 -5.24 -14.98 16.10
N ASP A 121 -6.23 -15.09 15.22
CA ASP A 121 -7.14 -16.24 15.20
C ASP A 121 -6.53 -17.35 14.35
N TRP A 122 -5.66 -18.15 14.96
CA TRP A 122 -4.94 -19.21 14.25
C TRP A 122 -5.87 -20.29 13.71
N GLU A 123 -7.11 -20.38 14.19
CA GLU A 123 -8.06 -21.29 13.55
C GLU A 123 -8.47 -20.83 12.16
N ARG A 124 -8.19 -19.56 11.81
CA ARG A 124 -8.50 -19.01 10.49
C ARG A 124 -7.29 -19.00 9.57
N GLU A 125 -6.23 -19.70 9.95
CA GLU A 125 -5.00 -19.76 9.15
C GLU A 125 -5.26 -20.41 7.80
N VAL A 126 -4.80 -19.76 6.74
CA VAL A 126 -4.84 -20.30 5.39
C VAL A 126 -3.41 -20.40 4.90
N ALA A 127 -3.22 -21.26 3.90
CA ALA A 127 -1.96 -21.33 3.16
C ALA A 127 -2.33 -21.39 1.69
N THR A 128 -2.01 -20.33 0.94
CA THR A 128 -2.52 -20.20 -0.42
C THR A 128 -2.06 -21.34 -1.32
N CYS A 129 -0.90 -21.92 -1.06
CA CYS A 129 -0.42 -23.04 -1.85
C CYS A 129 -1.12 -24.34 -1.51
N LYS A 130 -2.24 -24.31 -0.81
CA LYS A 130 -2.92 -25.56 -0.57
C LYS A 130 -4.14 -25.69 -1.47
N PRO A 131 -4.47 -26.91 -1.88
CA PRO A 131 -5.63 -27.10 -2.77
C PRO A 131 -6.94 -26.56 -2.18
N GLU A 132 -7.15 -26.69 -0.87
CA GLU A 132 -8.40 -26.19 -0.31
C GLU A 132 -8.48 -24.68 -0.34
N TYR A 133 -7.42 -23.98 -0.76
CA TYR A 133 -7.49 -22.54 -0.98
C TYR A 133 -7.54 -22.21 -2.48
N TYR A 134 -6.53 -22.64 -3.25
CA TYR A 134 -6.47 -22.20 -4.64
C TYR A 134 -7.55 -22.83 -5.50
N ARG A 135 -8.23 -23.88 -5.03
CA ARG A 135 -9.36 -24.42 -5.78
C ARG A 135 -10.41 -23.35 -6.03
N TRP A 136 -10.48 -22.35 -5.15
CA TRP A 136 -11.52 -21.35 -5.27
C TRP A 136 -11.15 -20.24 -6.23
N GLU A 137 -9.86 -19.97 -6.41
CA GLU A 137 -9.52 -19.05 -7.48
C GLU A 137 -9.61 -19.74 -8.85
N GLN A 138 -9.34 -21.05 -8.90
CA GLN A 138 -9.61 -21.79 -10.13
C GLN A 138 -11.09 -21.72 -10.47
N TRP A 139 -11.95 -21.86 -9.46
CA TRP A 139 -13.40 -21.78 -9.68
C TRP A 139 -13.80 -20.42 -10.24
N LEU A 140 -13.34 -19.34 -9.63
CA LEU A 140 -13.71 -18.01 -10.11
C LEU A 140 -13.17 -17.78 -11.51
N PHE A 141 -11.96 -18.29 -11.77
CA PHE A 141 -11.37 -18.20 -13.10
C PHE A 141 -12.32 -18.75 -14.16
N THR A 142 -12.85 -19.96 -13.94
CA THR A 142 -13.73 -20.59 -14.93
C THR A 142 -15.06 -19.84 -15.04
N LYS A 143 -15.58 -19.34 -13.92
CA LYS A 143 -16.78 -18.52 -13.96
C LYS A 143 -16.57 -17.30 -14.84
N LEU A 144 -15.46 -16.59 -14.64
CA LEU A 144 -15.21 -15.38 -15.42
C LEU A 144 -14.79 -15.71 -16.84
N PHE A 145 -14.14 -16.86 -17.04
CA PHE A 145 -13.76 -17.27 -18.38
C PHE A 145 -14.98 -17.54 -19.25
N GLU A 146 -16.03 -18.10 -18.63
CA GLU A 146 -17.28 -18.35 -19.33
C GLU A 146 -17.91 -17.04 -19.81
N LYS A 147 -17.94 -16.02 -18.94
CA LYS A 147 -18.47 -14.71 -19.29
C LYS A 147 -17.52 -13.87 -20.14
N GLY A 148 -16.33 -14.37 -20.43
CA GLY A 148 -15.36 -13.59 -21.18
C GLY A 148 -14.64 -12.53 -20.39
N ILE A 149 -14.82 -12.47 -19.06
CA ILE A 149 -14.06 -11.52 -18.25
C ILE A 149 -12.59 -11.96 -18.18
N VAL A 150 -12.34 -13.26 -18.27
CA VAL A 150 -11.02 -13.79 -18.57
C VAL A 150 -11.05 -14.34 -19.99
N TYR A 151 -10.03 -14.03 -20.78
CA TYR A 151 -9.94 -14.49 -22.15
C TYR A 151 -8.52 -14.90 -22.50
N ARG A 152 -8.40 -15.60 -23.62
CA ARG A 152 -7.12 -16.04 -24.17
C ARG A 152 -6.81 -15.21 -25.40
N LYS A 153 -5.62 -14.59 -25.42
CA LYS A 153 -5.14 -13.91 -26.61
C LYS A 153 -3.61 -13.99 -26.63
N ASN A 154 -3.05 -13.84 -27.83
CA ASN A 154 -1.60 -13.84 -27.98
C ASN A 154 -1.01 -12.56 -27.40
N GLY A 155 0.00 -12.73 -26.53
CA GLY A 155 0.74 -11.60 -26.01
C GLY A 155 2.22 -11.84 -26.16
N THR A 156 2.97 -10.74 -26.17
CA THR A 156 4.41 -10.83 -26.32
C THR A 156 5.07 -11.07 -24.96
N VAL A 157 6.13 -11.88 -24.95
CA VAL A 157 6.91 -12.14 -23.74
C VAL A 157 8.40 -12.05 -24.10
N ASN A 158 9.21 -12.05 -23.03
CA ASN A 158 10.68 -11.98 -23.19
C ASN A 158 11.22 -13.39 -23.02
N TRP A 159 11.65 -14.02 -24.12
CA TRP A 159 12.12 -15.39 -24.13
C TRP A 159 13.65 -15.39 -24.13
N ASP A 160 14.24 -16.08 -23.16
CA ASP A 160 15.68 -16.23 -23.09
C ASP A 160 16.05 -17.55 -23.76
N PRO A 161 16.69 -17.54 -24.93
CA PRO A 161 17.00 -18.78 -25.62
C PRO A 161 18.17 -19.55 -25.03
N VAL A 162 18.73 -19.11 -23.90
CA VAL A 162 19.75 -19.87 -23.19
C VAL A 162 19.20 -20.44 -21.89
N ASP A 163 18.66 -19.59 -21.02
CA ASP A 163 17.99 -20.08 -19.82
C ASP A 163 16.71 -20.83 -20.16
N GLN A 164 16.19 -20.68 -21.39
CA GLN A 164 15.08 -21.48 -21.91
C GLN A 164 13.79 -21.30 -21.11
N THR A 165 13.57 -20.11 -20.54
CA THR A 165 12.31 -19.76 -19.91
C THR A 165 11.95 -18.32 -20.23
N VAL A 166 10.77 -17.90 -19.78
CA VAL A 166 10.32 -16.54 -19.95
C VAL A 166 10.94 -15.67 -18.88
N LEU A 167 11.44 -14.50 -19.27
CA LEU A 167 12.08 -13.60 -18.29
C LEU A 167 11.16 -12.39 -18.08
N ALA A 168 11.18 -11.82 -16.87
CA ALA A 168 10.38 -10.61 -16.59
C ALA A 168 11.07 -9.42 -17.24
N ASN A 169 10.32 -8.32 -17.45
CA ASN A 169 10.90 -7.13 -18.14
C ASN A 169 11.79 -6.34 -17.18
N GLU A 170 12.04 -6.88 -15.98
CA GLU A 170 13.02 -6.28 -15.03
C GLU A 170 14.27 -7.16 -15.03
N GLN A 171 14.11 -8.47 -15.20
CA GLN A 171 15.23 -9.39 -15.24
C GLN A 171 15.95 -9.40 -16.58
N VAL A 172 15.59 -8.51 -17.52
CA VAL A 172 16.36 -8.30 -18.73
C VAL A 172 17.23 -7.07 -18.50
N ILE A 173 18.49 -7.15 -18.92
CA ILE A 173 19.47 -6.07 -18.74
C ILE A 173 20.00 -5.71 -20.11
N ASP A 174 19.74 -4.47 -20.53
CA ASP A 174 20.25 -3.92 -21.78
C ASP A 174 19.96 -4.86 -22.96
N GLY A 175 18.69 -5.25 -23.09
CA GLY A 175 18.26 -6.10 -24.17
C GLY A 175 18.63 -7.57 -24.05
N ARG A 176 19.30 -7.97 -22.98
CA ARG A 176 19.76 -9.34 -22.82
C ARG A 176 19.29 -9.90 -21.47
N GLY A 177 19.48 -11.20 -21.30
CA GLY A 177 18.99 -11.91 -20.13
C GLY A 177 19.65 -11.53 -18.82
N TRP A 178 19.56 -12.41 -17.82
CA TRP A 178 20.14 -12.13 -16.52
C TRP A 178 21.18 -13.18 -16.14
N ARG A 179 20.72 -14.37 -15.75
CA ARG A 179 21.59 -15.51 -15.48
C ARG A 179 22.18 -16.12 -16.74
N SER A 180 21.78 -15.61 -17.91
CA SER A 180 22.39 -16.00 -19.18
C SER A 180 22.94 -14.81 -19.93
N GLY A 181 22.27 -13.66 -19.88
CA GLY A 181 22.75 -12.49 -20.59
C GLY A 181 22.75 -12.63 -22.09
N ALA A 182 21.91 -13.52 -22.64
CA ALA A 182 21.83 -13.69 -24.07
C ALA A 182 20.74 -12.78 -24.65
N LEU A 183 20.79 -12.60 -25.97
CA LEU A 183 19.89 -11.68 -26.63
C LEU A 183 18.46 -12.19 -26.54
N ILE A 184 17.61 -11.43 -25.85
CA ILE A 184 16.22 -11.84 -25.67
C ILE A 184 15.50 -11.92 -27.00
N GLU A 185 14.72 -12.98 -27.18
CA GLU A 185 13.82 -13.12 -28.31
C GLU A 185 12.40 -12.77 -27.85
N LYS A 186 11.79 -11.77 -28.48
CA LYS A 186 10.39 -11.47 -28.22
C LYS A 186 9.51 -12.46 -28.98
N ARG A 187 8.62 -13.14 -28.27
CA ARG A 187 7.82 -14.20 -28.85
C ARG A 187 6.34 -14.00 -28.51
N GLU A 188 5.49 -14.27 -29.49
CA GLU A 188 4.04 -14.16 -29.32
C GLU A 188 3.50 -15.51 -28.86
N ILE A 189 3.02 -15.57 -27.62
CA ILE A 189 2.42 -16.80 -27.11
C ILE A 189 1.03 -16.53 -26.58
N PRO A 190 0.09 -17.45 -26.78
CA PRO A 190 -1.25 -17.28 -26.16
C PRO A 190 -1.15 -17.21 -24.65
N MET A 191 -1.95 -16.32 -24.07
CA MET A 191 -1.93 -16.05 -22.64
C MET A 191 -3.32 -15.67 -22.18
N TYR A 192 -3.54 -15.74 -20.87
CA TYR A 192 -4.84 -15.45 -20.27
C TYR A 192 -4.82 -14.07 -19.61
N TYR A 193 -5.94 -13.37 -19.71
CA TYR A 193 -6.04 -12.01 -19.20
C TYR A 193 -7.32 -11.83 -18.43
N PHE A 194 -7.25 -11.00 -17.40
CA PHE A 194 -8.45 -10.44 -16.79
C PHE A 194 -8.77 -9.14 -17.50
N LYS A 195 -10.00 -9.02 -17.99
CA LYS A 195 -10.47 -7.81 -18.66
C LYS A 195 -10.74 -6.70 -17.64
N ILE A 196 -9.66 -6.26 -16.98
CA ILE A 196 -9.79 -5.23 -15.95
C ILE A 196 -10.07 -3.86 -16.54
N THR A 197 -9.87 -3.70 -17.85
CA THR A 197 -10.25 -2.45 -18.49
C THR A 197 -11.77 -2.23 -18.40
N ASP A 198 -12.56 -3.31 -18.48
CA ASP A 198 -14.00 -3.17 -18.38
C ASP A 198 -14.43 -2.53 -17.07
N TYR A 199 -13.63 -2.68 -16.02
CA TYR A 199 -13.92 -2.13 -14.70
C TYR A 199 -13.12 -0.86 -14.43
N ALA A 200 -12.52 -0.27 -15.46
CA ALA A 200 -11.64 0.88 -15.25
C ALA A 200 -12.36 2.02 -14.55
N GLU A 201 -13.52 2.40 -15.07
CA GLU A 201 -14.25 3.54 -14.54
C GLU A 201 -14.73 3.27 -13.13
N GLU A 202 -15.20 2.05 -12.86
CA GLU A 202 -15.64 1.72 -11.51
C GLU A 202 -14.47 1.72 -10.53
N LEU A 203 -13.29 1.24 -10.96
CA LEU A 203 -12.11 1.25 -10.11
C LEU A 203 -11.60 2.66 -9.85
N LEU A 204 -11.78 3.55 -10.82
CA LEU A 204 -11.37 4.94 -10.65
C LEU A 204 -12.32 5.70 -9.74
N ASN A 205 -13.63 5.62 -10.03
CA ASN A 205 -14.60 6.45 -9.33
C ASN A 205 -14.77 6.05 -7.87
N ASP A 206 -14.71 4.74 -7.57
CA ASP A 206 -14.92 4.28 -6.20
C ASP A 206 -13.81 4.72 -5.25
N LEU A 207 -12.67 5.17 -5.77
CA LEU A 207 -11.62 5.68 -4.89
C LEU A 207 -12.14 6.81 -4.02
N ASP A 208 -13.09 7.59 -4.55
CA ASP A 208 -13.64 8.73 -3.82
C ASP A 208 -14.39 8.30 -2.56
N LYS A 209 -14.90 7.06 -2.55
CA LYS A 209 -15.57 6.53 -1.36
C LYS A 209 -14.59 6.37 -0.19
N LEU A 210 -13.30 6.23 -0.47
CA LEU A 210 -12.32 5.87 0.56
C LEU A 210 -11.82 7.12 1.28
N GLU A 211 -12.73 7.72 2.05
CA GLU A 211 -12.40 8.94 2.80
C GLU A 211 -11.25 8.71 3.79
N HIS A 212 -11.01 7.46 4.18
CA HIS A 212 -9.94 7.13 5.12
C HIS A 212 -8.73 6.47 4.46
N TRP A 213 -8.57 6.64 3.15
CA TRP A 213 -7.29 6.22 2.57
C TRP A 213 -6.34 7.42 2.51
N PRO A 214 -5.05 7.20 2.73
CA PRO A 214 -4.10 8.29 2.49
C PRO A 214 -4.18 8.73 1.03
N GLU A 215 -4.30 10.04 0.83
CA GLU A 215 -4.56 10.56 -0.52
C GLU A 215 -3.50 10.14 -1.53
N GLN A 216 -2.23 10.08 -1.11
CA GLN A 216 -1.19 9.67 -2.05
C GLN A 216 -1.49 8.31 -2.68
N VAL A 217 -1.98 7.36 -1.88
CA VAL A 217 -2.33 6.05 -2.42
C VAL A 217 -3.46 6.18 -3.44
N LYS A 218 -4.46 7.00 -3.15
CA LYS A 218 -5.52 7.23 -4.13
C LYS A 218 -4.97 7.93 -5.36
N THR A 219 -4.09 8.91 -5.16
CA THR A 219 -3.42 9.58 -6.26
C THR A 219 -2.63 8.59 -7.11
N MET A 220 -1.82 7.75 -6.47
CA MET A 220 -1.06 6.75 -7.20
C MET A 220 -1.99 5.83 -7.99
N GLN A 221 -3.16 5.51 -7.44
CA GLN A 221 -4.07 4.61 -8.14
C GLN A 221 -4.72 5.28 -9.34
N ARG A 222 -4.97 6.59 -9.25
CA ARG A 222 -5.59 7.27 -10.39
C ARG A 222 -4.61 7.39 -11.56
N ASN A 223 -3.37 7.77 -11.27
CA ASN A 223 -2.36 7.91 -12.31
C ASN A 223 -2.08 6.59 -13.00
N TRP A 224 -2.14 5.47 -12.26
CA TRP A 224 -1.93 4.19 -12.91
C TRP A 224 -3.08 3.84 -13.83
N ILE A 225 -4.32 4.15 -13.45
CA ILE A 225 -5.43 3.92 -14.35
C ILE A 225 -5.33 4.85 -15.55
N GLY A 226 -4.90 6.10 -15.30
CA GLY A 226 -4.60 7.04 -16.36
C GLY A 226 -5.76 7.34 -17.30
N LYS A 227 -6.93 7.59 -16.72
CA LYS A 227 -8.06 8.07 -17.51
C LYS A 227 -7.73 9.42 -18.14
N SER A 228 -8.12 9.61 -19.40
CA SER A 228 -8.03 10.91 -20.02
C SER A 228 -9.22 11.10 -20.94
N ARG A 229 -9.72 12.34 -20.98
CA ARG A 229 -10.82 12.73 -21.85
C ARG A 229 -10.24 13.65 -22.93
N GLY A 230 -10.11 13.12 -24.14
CA GLY A 230 -9.52 13.86 -25.23
C GLY A 230 -10.27 13.68 -26.55
N MET A 231 -9.56 13.86 -27.67
CA MET A 231 -10.17 13.87 -28.98
C MET A 231 -9.40 12.99 -29.95
N THR A 232 -10.13 12.21 -30.74
CA THR A 232 -9.59 11.59 -31.94
C THR A 232 -9.57 12.62 -33.06
N VAL A 233 -8.43 12.76 -33.74
CA VAL A 233 -8.25 13.77 -34.78
C VAL A 233 -7.67 13.11 -36.02
N ARG A 234 -8.31 13.31 -37.17
CA ARG A 234 -7.88 12.75 -38.44
C ARG A 234 -7.21 13.82 -39.29
N PHE A 235 -6.02 13.51 -39.79
CA PHE A 235 -5.26 14.41 -40.65
C PHE A 235 -5.28 13.83 -42.06
N ALA A 236 -5.77 14.61 -43.01
CA ALA A 236 -5.75 14.16 -44.40
C ALA A 236 -4.33 13.93 -44.86
N VAL A 237 -4.08 12.74 -45.41
CA VAL A 237 -2.79 12.45 -46.04
C VAL A 237 -2.68 13.28 -47.32
N SER A 238 -1.61 14.07 -47.42
CA SER A 238 -1.43 14.94 -48.57
C SER A 238 -1.38 14.12 -49.85
N ASP A 239 -1.83 14.74 -50.95
CA ASP A 239 -1.95 14.02 -52.22
C ASP A 239 -0.62 13.48 -52.71
N ASP A 240 0.47 14.18 -52.43
CA ASP A 240 1.80 13.74 -52.82
C ASP A 240 2.36 12.67 -51.89
N SER A 241 1.65 12.32 -50.81
CA SER A 241 2.18 11.45 -49.77
C SER A 241 1.37 10.17 -49.63
N LYS A 242 0.76 9.69 -50.71
CA LYS A 242 0.03 8.43 -50.68
C LYS A 242 0.86 7.27 -51.22
N GLN A 243 2.08 7.52 -51.68
CA GLN A 243 2.93 6.50 -52.29
C GLN A 243 3.14 5.32 -51.35
N GLY A 244 2.56 4.17 -51.70
CA GLY A 244 2.68 2.97 -50.91
C GLY A 244 1.62 2.78 -49.85
N LEU A 245 0.82 3.81 -49.58
CA LEU A 245 -0.21 3.70 -48.54
C LEU A 245 -1.42 2.97 -49.06
N GLU A 246 -1.94 2.05 -48.23
CA GLU A 246 -3.05 1.19 -48.62
C GLU A 246 -4.24 1.44 -47.72
N GLY A 247 -5.44 1.42 -48.31
CA GLY A 247 -6.67 1.43 -47.53
C GLY A 247 -6.89 2.74 -46.81
N ASP A 248 -7.50 2.65 -45.62
CA ASP A 248 -7.81 3.83 -44.83
C ASP A 248 -6.57 4.57 -44.36
N TYR A 249 -5.38 3.98 -44.49
CA TYR A 249 -4.14 4.68 -44.20
C TYR A 249 -3.69 5.57 -45.35
N ALA A 250 -4.15 5.31 -46.57
CA ALA A 250 -3.95 6.27 -47.64
C ALA A 250 -4.84 7.49 -47.47
N LYS A 251 -5.90 7.38 -46.68
CA LYS A 251 -6.87 8.46 -46.50
C LYS A 251 -6.47 9.45 -45.42
N PHE A 252 -6.13 8.98 -44.23
CA PHE A 252 -5.97 9.91 -43.12
C PHE A 252 -5.07 9.32 -42.05
N LEU A 253 -4.28 10.19 -41.42
CA LEU A 253 -3.52 9.85 -40.23
C LEU A 253 -4.35 10.25 -39.00
N GLN A 254 -4.70 9.27 -38.18
CA GLN A 254 -5.56 9.47 -37.03
C GLN A 254 -4.74 9.41 -35.76
N VAL A 255 -4.86 10.44 -34.91
CA VAL A 255 -4.15 10.48 -33.64
C VAL A 255 -5.14 10.73 -32.51
N TYR A 256 -4.70 10.42 -31.30
CA TYR A 256 -5.40 10.78 -30.08
C TYR A 256 -4.63 11.90 -29.39
N THR A 257 -5.37 12.82 -28.78
CA THR A 257 -4.74 13.93 -28.07
C THR A 257 -5.65 14.38 -26.95
N THR A 258 -5.05 14.85 -25.86
CA THR A 258 -5.80 15.42 -24.76
C THR A 258 -5.73 16.94 -24.72
N ARG A 259 -5.12 17.55 -25.73
CA ARG A 259 -5.09 19.00 -25.88
C ARG A 259 -5.61 19.42 -27.26
N PRO A 260 -6.85 19.05 -27.60
CA PRO A 260 -7.41 19.56 -28.86
C PRO A 260 -7.56 21.07 -28.86
N ASP A 261 -7.48 21.71 -27.69
CA ASP A 261 -7.43 23.15 -27.63
C ASP A 261 -6.18 23.73 -28.26
N THR A 262 -5.16 22.90 -28.52
CA THR A 262 -3.91 23.36 -29.12
C THR A 262 -3.71 22.80 -30.52
N LEU A 263 -4.77 22.27 -31.12
CA LEU A 263 -4.66 21.69 -32.47
C LEU A 263 -4.20 22.73 -33.49
N MET A 264 -4.48 24.02 -33.23
CA MET A 264 -3.95 25.10 -34.06
C MET A 264 -2.45 25.30 -33.87
N GLY A 265 -1.79 24.50 -33.06
CA GLY A 265 -0.36 24.68 -32.85
C GLY A 265 0.47 23.49 -33.29
N ALA A 266 -0.16 22.51 -33.94
CA ALA A 266 0.56 21.33 -34.40
C ALA A 266 1.48 21.72 -35.55
N THR A 267 2.79 21.52 -35.36
CA THR A 267 3.77 21.85 -36.38
C THR A 267 4.37 20.62 -37.06
N TYR A 268 4.14 19.44 -36.54
CA TYR A 268 4.47 18.19 -37.21
C TYR A 268 3.66 17.08 -36.53
N VAL A 269 3.85 15.86 -37.01
CA VAL A 269 3.18 14.68 -36.45
C VAL A 269 4.20 13.56 -36.37
N ALA A 270 3.85 12.52 -35.60
CA ALA A 270 4.79 11.47 -35.24
C ALA A 270 4.09 10.13 -35.24
N VAL A 271 4.70 9.14 -35.87
CA VAL A 271 4.09 7.82 -35.97
C VAL A 271 5.05 6.78 -35.44
N ALA A 272 4.48 5.71 -34.88
CA ALA A 272 5.25 4.62 -34.32
C ALA A 272 6.04 3.91 -35.41
N ALA A 273 7.06 3.17 -34.97
CA ALA A 273 7.95 2.50 -35.92
C ALA A 273 7.19 1.52 -36.79
N GLU A 274 6.18 0.85 -36.22
CA GLU A 274 5.39 -0.12 -36.96
C GLU A 274 4.26 0.51 -37.79
N HIS A 275 4.16 1.84 -37.83
CA HIS A 275 3.02 2.48 -38.45
C HIS A 275 3.06 2.29 -39.96
N PRO A 276 1.92 2.02 -40.60
CA PRO A 276 1.92 1.85 -42.07
C PRO A 276 2.57 3.00 -42.82
N LEU A 277 2.39 4.22 -42.33
CA LEU A 277 3.07 5.36 -42.95
C LEU A 277 4.58 5.28 -42.73
N ALA A 278 5.01 4.80 -41.56
CA ALA A 278 6.43 4.59 -41.30
C ALA A 278 7.04 3.63 -42.33
N THR A 279 6.39 2.49 -42.52
CA THR A 279 6.95 1.49 -43.42
C THR A 279 6.73 1.85 -44.90
N ALA A 280 5.66 2.56 -45.23
CA ALA A 280 5.49 2.98 -46.62
C ALA A 280 6.51 4.04 -47.03
N ALA A 281 6.97 4.86 -46.08
CA ALA A 281 8.05 5.80 -46.37
C ALA A 281 9.41 5.11 -46.41
N ALA A 282 9.58 4.07 -45.59
CA ALA A 282 10.86 3.39 -45.40
C ALA A 282 11.22 2.44 -46.55
N ALA A 283 10.41 2.38 -47.60
CA ALA A 283 10.70 1.49 -48.72
C ALA A 283 12.01 1.88 -49.39
N ASP A 284 11.99 2.97 -50.16
CA ASP A 284 13.16 3.41 -50.89
C ASP A 284 14.14 4.22 -50.04
N LYS A 285 13.83 4.45 -48.76
CA LYS A 285 14.72 5.19 -47.89
C LYS A 285 15.35 4.24 -46.87
N PRO A 286 16.61 3.84 -47.03
CA PRO A 286 17.19 2.82 -46.13
C PRO A 286 17.34 3.30 -44.70
N GLU A 287 17.75 4.55 -44.49
CA GLU A 287 17.98 5.04 -43.13
C GLU A 287 16.71 5.05 -42.29
N LEU A 288 15.54 5.07 -42.93
CA LEU A 288 14.29 4.90 -42.18
C LEU A 288 14.07 3.45 -41.79
N GLN A 289 14.47 2.52 -42.66
CA GLN A 289 14.37 1.10 -42.32
C GLN A 289 15.30 0.75 -41.17
N ALA A 290 16.47 1.38 -41.12
CA ALA A 290 17.39 1.15 -40.01
C ALA A 290 16.82 1.72 -38.72
N PHE A 291 16.21 2.91 -38.78
CA PHE A 291 15.62 3.51 -37.59
C PHE A 291 14.48 2.65 -37.06
N ILE A 292 13.64 2.13 -37.97
CA ILE A 292 12.54 1.27 -37.56
C ILE A 292 13.06 0.02 -36.85
N ALA A 293 14.17 -0.54 -37.35
CA ALA A 293 14.75 -1.71 -36.70
C ALA A 293 15.35 -1.36 -35.34
N GLU A 294 16.04 -0.21 -35.24
CA GLU A 294 16.57 0.22 -33.95
C GLU A 294 15.45 0.42 -32.93
N CYS A 295 14.29 0.90 -33.38
CA CYS A 295 13.15 1.05 -32.46
C CYS A 295 12.60 -0.30 -32.04
N LYS A 296 12.40 -1.20 -33.00
CA LYS A 296 11.85 -2.52 -32.69
C LYS A 296 12.73 -3.24 -31.66
N ALA A 297 14.04 -3.27 -31.92
CA ALA A 297 15.01 -3.75 -30.94
C ALA A 297 15.16 -2.68 -29.85
N GLY A 298 14.23 -2.72 -28.90
CA GLY A 298 14.27 -1.79 -27.78
C GLY A 298 13.35 -2.18 -26.65
N SER A 299 13.68 -1.78 -25.43
CA SER A 299 12.80 -2.03 -24.29
C SER A 299 11.52 -1.22 -24.43
N VAL A 300 10.54 -1.56 -23.60
CA VAL A 300 9.26 -0.85 -23.59
C VAL A 300 8.90 -0.51 -22.15
N ALA A 301 9.89 -0.58 -21.26
CA ALA A 301 9.64 -0.32 -19.84
C ALA A 301 9.24 1.13 -19.63
N GLU A 302 8.18 1.33 -18.84
CA GLU A 302 7.74 2.69 -18.55
C GLU A 302 8.87 3.52 -17.94
N ALA A 303 9.64 2.92 -17.04
CA ALA A 303 10.78 3.61 -16.44
C ALA A 303 11.86 3.90 -17.49
N ASP A 304 12.05 2.97 -18.43
CA ASP A 304 13.02 3.19 -19.50
C ASP A 304 12.55 4.21 -20.53
N MET A 305 11.24 4.48 -20.59
CA MET A 305 10.69 5.34 -21.64
C MET A 305 10.90 6.82 -21.31
N ALA A 306 10.53 7.24 -20.10
CA ALA A 306 10.72 8.64 -19.74
C ALA A 306 12.20 8.98 -19.58
N THR A 307 13.03 8.00 -19.24
CA THR A 307 14.48 8.17 -19.19
C THR A 307 15.13 7.63 -20.45
N MET A 308 14.73 8.21 -21.59
CA MET A 308 15.17 7.76 -22.91
C MET A 308 15.38 8.95 -23.83
N GLU A 309 16.50 8.95 -24.55
CA GLU A 309 16.73 9.99 -25.54
C GLU A 309 15.70 9.87 -26.65
N LYS A 310 14.82 10.86 -26.79
CA LYS A 310 13.80 10.84 -27.82
C LYS A 310 14.44 11.04 -29.18
N LYS A 311 14.15 10.13 -30.11
CA LYS A 311 14.76 10.15 -31.44
C LYS A 311 13.67 10.06 -32.49
N GLY A 312 13.88 10.79 -33.59
CA GLY A 312 12.96 10.75 -34.70
C GLY A 312 13.71 10.73 -36.01
N VAL A 313 12.94 10.47 -37.08
CA VAL A 313 13.48 10.59 -38.43
C VAL A 313 12.37 11.17 -39.31
N PRO A 314 12.67 12.15 -40.16
CA PRO A 314 11.67 12.63 -41.10
C PRO A 314 11.41 11.61 -42.19
N THR A 315 10.19 11.66 -42.76
CA THR A 315 9.81 10.71 -43.79
C THR A 315 9.55 11.34 -45.15
N GLY A 316 9.37 12.66 -45.21
CA GLY A 316 9.00 13.30 -46.45
C GLY A 316 7.53 13.20 -46.81
N ARG A 317 6.76 12.38 -46.11
CA ARG A 317 5.32 12.34 -46.30
C ARG A 317 4.67 13.46 -45.50
N TYR A 318 3.49 13.90 -45.94
CA TYR A 318 2.84 15.06 -45.36
C TYR A 318 1.35 14.79 -45.14
N VAL A 319 0.81 15.44 -44.12
CA VAL A 319 -0.62 15.41 -43.84
C VAL A 319 -1.08 16.83 -43.51
N VAL A 320 -2.39 17.05 -43.58
CA VAL A 320 -2.97 18.38 -43.50
C VAL A 320 -3.77 18.50 -42.21
N ASN A 321 -3.54 19.58 -41.47
CA ASN A 321 -4.27 19.87 -40.24
C ASN A 321 -5.68 20.35 -40.59
N PRO A 322 -6.73 19.61 -40.23
CA PRO A 322 -8.08 19.94 -40.72
C PRO A 322 -8.67 21.22 -40.13
N LEU A 323 -7.87 21.99 -39.41
CA LEU A 323 -8.32 23.26 -38.83
C LEU A 323 -7.76 24.46 -39.57
N ASN A 324 -6.45 24.50 -39.82
CA ASN A 324 -5.82 25.64 -40.45
C ASN A 324 -5.12 25.33 -41.76
N GLY A 325 -5.21 24.10 -42.25
CA GLY A 325 -4.63 23.73 -43.53
C GLY A 325 -3.12 23.62 -43.57
N ASP A 326 -2.43 23.75 -42.44
CA ASP A 326 -0.97 23.65 -42.47
C ASP A 326 -0.54 22.29 -43.00
N LYS A 327 0.54 22.30 -43.79
CA LYS A 327 1.16 21.06 -44.28
C LYS A 327 2.22 20.63 -43.28
N LEU A 328 2.05 19.44 -42.70
CA LEU A 328 2.86 18.99 -41.59
C LEU A 328 3.55 17.68 -41.95
N GLU A 329 4.87 17.64 -41.80
CA GLU A 329 5.63 16.43 -42.13
C GLU A 329 5.40 15.34 -41.10
N VAL A 330 5.30 14.10 -41.57
CA VAL A 330 5.16 12.94 -40.71
C VAL A 330 6.54 12.43 -40.36
N TRP A 331 6.88 12.45 -39.07
CA TRP A 331 8.09 11.83 -38.57
C TRP A 331 7.77 10.47 -37.97
N ILE A 332 8.77 9.59 -37.98
CA ILE A 332 8.77 8.38 -37.15
C ILE A 332 9.53 8.70 -35.88
N ALA A 333 8.99 8.32 -34.74
CA ALA A 333 9.61 8.66 -33.47
C ALA A 333 9.55 7.48 -32.51
N ASN A 334 10.62 7.30 -31.74
CA ASN A 334 10.75 6.15 -30.85
C ASN A 334 9.95 6.29 -29.56
N TYR A 335 9.24 7.39 -29.35
CA TYR A 335 8.38 7.51 -28.19
C TYR A 335 6.93 7.15 -28.50
N VAL A 336 6.58 6.93 -29.76
CA VAL A 336 5.23 6.56 -30.13
C VAL A 336 5.12 5.04 -30.11
N LEU A 337 4.16 4.52 -29.36
CA LEU A 337 4.01 3.08 -29.15
C LEU A 337 2.83 2.55 -29.95
N TRP A 338 3.06 1.46 -30.66
CA TRP A 338 2.09 0.85 -31.57
C TRP A 338 1.25 -0.15 -30.80
N GLY A 339 0.17 0.34 -30.18
CA GLY A 339 -0.73 -0.51 -29.43
C GLY A 339 -1.63 0.27 -28.49
N TYR A 340 -1.20 1.47 -28.12
CA TYR A 340 -1.99 2.33 -27.22
C TYR A 340 -2.86 3.23 -28.08
N GLY A 341 -4.08 2.79 -28.34
CA GLY A 341 -4.97 3.53 -29.23
C GLY A 341 -4.42 3.54 -30.65
N ASP A 342 -4.46 4.72 -31.27
CA ASP A 342 -3.85 4.89 -32.59
C ASP A 342 -2.33 4.81 -32.48
N GLY A 343 -1.70 4.53 -33.61
CA GLY A 343 -0.25 4.40 -33.58
C GLY A 343 0.48 5.69 -33.88
N ALA A 344 -0.07 6.82 -33.42
CA ALA A 344 0.43 8.12 -33.87
C ALA A 344 -0.16 9.21 -33.01
N VAL A 345 0.61 10.29 -32.87
CA VAL A 345 0.26 11.45 -32.06
C VAL A 345 0.58 12.69 -32.88
N MET A 346 -0.01 13.81 -32.47
CA MET A 346 0.42 15.09 -33.02
C MET A 346 1.49 15.66 -32.10
N ALA A 347 2.08 16.78 -32.49
CA ALA A 347 3.12 17.41 -31.69
C ALA A 347 2.95 18.91 -31.68
N VAL A 348 2.72 19.47 -30.50
CA VAL A 348 2.57 20.92 -30.34
C VAL A 348 3.72 21.40 -29.46
N PRO A 349 4.88 21.72 -30.05
CA PRO A 349 6.06 22.00 -29.22
C PRO A 349 5.89 23.19 -28.30
N ALA A 350 5.04 24.15 -28.66
CA ALA A 350 4.86 25.34 -27.84
C ALA A 350 4.21 25.04 -26.48
N HIS A 351 3.52 23.90 -26.34
CA HIS A 351 2.77 23.65 -25.11
C HIS A 351 2.89 22.21 -24.61
N ASP A 352 3.92 21.49 -25.03
CA ASP A 352 4.18 20.14 -24.54
C ASP A 352 5.69 19.97 -24.43
N GLU A 353 6.17 19.83 -23.19
CA GLU A 353 7.62 19.86 -22.96
C GLU A 353 8.34 18.80 -23.79
N ARG A 354 7.79 17.59 -23.85
CA ARG A 354 8.42 16.54 -24.65
C ARG A 354 8.52 16.99 -26.11
N ASP A 355 7.40 17.45 -26.69
CA ASP A 355 7.44 17.99 -28.04
C ASP A 355 8.36 19.19 -28.13
N PHE A 356 8.54 19.92 -27.04
CA PHE A 356 9.42 21.09 -27.07
C PHE A 356 10.87 20.66 -27.19
N GLU A 357 11.31 19.71 -26.37
CA GLU A 357 12.69 19.25 -26.45
C GLU A 357 12.95 18.54 -27.77
N PHE A 358 11.97 17.78 -28.27
CA PHE A 358 12.09 17.14 -29.57
C PHE A 358 12.29 18.19 -30.67
N ALA A 359 11.45 19.21 -30.68
CA ALA A 359 11.54 20.25 -31.71
C ALA A 359 12.77 21.12 -31.54
N ALA A 360 13.27 21.28 -30.32
CA ALA A 360 14.50 22.04 -30.14
C ALA A 360 15.71 21.25 -30.61
N LYS A 361 15.69 19.93 -30.39
CA LYS A 361 16.77 19.08 -30.89
C LYS A 361 16.87 19.16 -32.40
N TYR A 362 15.73 19.01 -33.09
CA TYR A 362 15.69 18.90 -34.53
C TYR A 362 15.40 20.22 -35.22
N ASN A 363 15.31 21.31 -34.47
CA ASN A 363 15.05 22.64 -35.03
C ASN A 363 13.72 22.67 -35.79
N LEU A 364 12.69 22.14 -35.15
CA LEU A 364 11.33 22.11 -35.65
C LEU A 364 10.54 23.29 -35.10
N PRO A 365 9.52 23.75 -35.82
CA PRO A 365 8.83 24.98 -35.43
C PRO A 365 7.95 24.80 -34.20
N LYS A 366 7.68 25.94 -33.55
CA LYS A 366 6.82 26.00 -32.38
C LYS A 366 5.87 27.17 -32.56
N LYS A 367 4.58 26.90 -32.42
CA LYS A 367 3.54 27.91 -32.63
C LYS A 367 2.77 28.08 -31.33
N GLN A 368 2.96 29.22 -30.67
CA GLN A 368 2.21 29.53 -29.46
C GLN A 368 0.75 29.77 -29.80
N VAL A 369 -0.12 28.91 -29.29
CA VAL A 369 -1.56 29.05 -29.44
C VAL A 369 -2.27 29.21 -28.11
N ILE A 370 -1.55 29.16 -27.00
CA ILE A 370 -2.09 29.38 -25.66
C ILE A 370 -1.28 30.48 -24.99
N ALA A 371 -1.98 31.46 -24.41
CA ALA A 371 -1.36 32.53 -23.64
C ALA A 371 -1.96 32.56 -22.23
N VAL A 372 -1.13 32.92 -21.25
CA VAL A 372 -1.51 32.89 -19.83
C VAL A 372 -1.26 34.28 -19.27
N GLY A 373 -2.29 35.12 -19.27
CA GLY A 373 -2.15 36.47 -18.75
C GLY A 373 -1.16 37.28 -19.57
N ASP A 374 -0.28 37.99 -18.87
CA ASP A 374 0.78 38.78 -19.49
C ASP A 374 2.13 38.07 -19.38
N ASN A 375 2.13 36.74 -19.49
CA ASN A 375 3.35 35.96 -19.37
C ASN A 375 4.15 36.04 -20.67
N ALA A 376 5.37 36.56 -20.58
CA ALA A 376 6.26 36.61 -21.72
C ALA A 376 6.60 35.19 -22.17
N PHE A 377 6.75 35.02 -23.48
CA PHE A 377 6.98 33.73 -24.10
C PHE A 377 8.30 33.75 -24.86
N ASP A 378 9.18 32.79 -24.55
CA ASP A 378 10.46 32.63 -25.23
C ASP A 378 10.50 31.28 -25.92
N ALA A 379 10.61 31.29 -27.24
CA ALA A 379 10.59 30.07 -28.03
C ALA A 379 11.83 29.20 -27.79
N ASN A 380 12.86 29.73 -27.16
CA ASN A 380 14.05 28.96 -26.81
C ASN A 380 14.22 28.89 -25.29
N ARG A 381 13.10 28.72 -24.58
CA ARG A 381 13.11 28.60 -23.12
C ARG A 381 11.78 28.07 -22.64
N TRP A 382 11.72 26.77 -22.35
CA TRP A 382 10.50 26.19 -21.80
C TRP A 382 10.27 26.72 -20.39
N GLN A 383 9.03 27.13 -20.12
CA GLN A 383 8.61 27.50 -18.78
C GLN A 383 7.33 26.73 -18.44
N GLU A 384 7.07 26.60 -17.13
CA GLU A 384 6.01 25.73 -16.68
C GLU A 384 4.64 26.13 -17.25
N TRP A 385 4.42 27.42 -17.45
CA TRP A 385 3.10 27.89 -17.89
C TRP A 385 2.79 27.55 -19.33
N TYR A 386 3.76 27.08 -20.11
CA TYR A 386 3.48 26.71 -21.49
C TYR A 386 2.44 25.60 -21.57
N GLY A 387 2.26 24.82 -20.50
CA GLY A 387 1.33 23.72 -20.53
C GLY A 387 0.10 23.90 -19.66
N ASP A 388 -0.19 25.16 -19.29
CA ASP A 388 -1.32 25.49 -18.43
C ASP A 388 -2.65 25.09 -19.07
N LYS A 389 -3.34 24.10 -18.50
CA LYS A 389 -4.67 23.74 -18.98
C LYS A 389 -5.79 24.53 -18.32
N GLU A 390 -5.49 25.32 -17.29
CA GLU A 390 -6.53 26.00 -16.52
C GLU A 390 -6.53 27.51 -16.69
N ASN A 391 -5.36 28.14 -16.76
CA ASN A 391 -5.26 29.59 -16.87
C ASN A 391 -4.83 30.01 -18.27
N GLY A 392 -5.44 29.42 -19.29
CA GLY A 392 -5.10 29.74 -20.67
C GLY A 392 -6.32 30.12 -21.47
N VAL A 393 -6.10 31.01 -22.44
CA VAL A 393 -7.03 31.26 -23.53
C VAL A 393 -6.25 31.27 -24.84
N LEU A 394 -6.95 30.95 -25.92
CA LEU A 394 -6.28 30.69 -27.18
C LEU A 394 -5.83 31.98 -27.86
N VAL A 395 -4.63 31.95 -28.42
CA VAL A 395 -4.11 33.02 -29.26
C VAL A 395 -3.64 32.40 -30.56
N ASN A 396 -3.47 33.25 -31.58
CA ASN A 396 -3.03 32.84 -32.91
C ASN A 396 -3.84 31.64 -33.41
N SER A 397 -5.12 31.59 -33.03
CA SER A 397 -6.00 30.48 -33.37
C SER A 397 -7.22 30.95 -34.14
N GLY A 398 -7.13 32.10 -34.80
CA GLY A 398 -8.24 32.60 -35.59
C GLY A 398 -9.49 32.69 -34.77
N ASP A 399 -10.57 32.10 -35.29
CA ASP A 399 -11.90 32.22 -34.68
C ASP A 399 -11.99 31.48 -33.36
N LEU A 400 -10.90 30.87 -32.90
CA LEU A 400 -10.85 30.22 -31.59
C LEU A 400 -10.14 31.08 -30.56
N ASP A 401 -9.71 32.29 -30.91
CA ASP A 401 -9.04 33.15 -29.95
C ASP A 401 -9.97 33.51 -28.80
N GLY A 402 -9.47 33.40 -27.57
CA GLY A 402 -10.14 33.94 -26.41
C GLY A 402 -10.88 32.95 -25.55
N LEU A 403 -11.08 31.72 -26.01
CA LEU A 403 -11.78 30.71 -25.25
C LEU A 403 -10.83 30.00 -24.30
N ASP A 404 -11.35 29.59 -23.14
CA ASP A 404 -10.56 28.77 -22.22
C ASP A 404 -10.45 27.35 -22.76
N PHE A 405 -9.84 26.47 -21.96
CA PHE A 405 -9.63 25.09 -22.41
C PHE A 405 -10.94 24.40 -22.77
N GLN A 406 -11.84 24.26 -21.79
CA GLN A 406 -13.03 23.45 -22.03
C GLN A 406 -13.94 24.06 -23.07
N THR A 407 -14.00 25.40 -23.17
CA THR A 407 -14.81 25.98 -24.23
C THR A 407 -14.17 25.74 -25.59
N ALA A 408 -12.85 25.94 -25.71
CA ALA A 408 -12.16 25.60 -26.95
C ALA A 408 -12.22 24.12 -27.25
N PHE A 409 -12.17 23.27 -26.22
CA PHE A 409 -12.36 21.83 -26.38
C PHE A 409 -13.66 21.54 -27.10
N ASP A 410 -14.77 22.01 -26.52
CA ASP A 410 -16.08 21.76 -27.11
C ASP A 410 -16.21 22.38 -28.50
N ALA A 411 -15.47 23.45 -28.78
CA ALA A 411 -15.57 24.07 -30.10
C ALA A 411 -14.79 23.28 -31.14
N VAL A 412 -13.60 22.80 -30.78
CA VAL A 412 -12.81 22.00 -31.72
C VAL A 412 -13.54 20.70 -32.03
N ALA A 413 -14.09 20.04 -31.00
CA ALA A 413 -14.97 18.91 -31.22
C ALA A 413 -16.06 19.28 -32.22
N ALA A 414 -16.72 20.42 -31.98
CA ALA A 414 -17.74 20.90 -32.89
C ALA A 414 -17.20 21.03 -34.31
N LYS A 415 -16.08 21.73 -34.47
CA LYS A 415 -15.54 21.96 -35.81
C LYS A 415 -15.13 20.65 -36.47
N LEU A 416 -14.56 19.71 -35.70
CA LEU A 416 -14.09 18.45 -36.27
C LEU A 416 -15.25 17.54 -36.63
N GLN A 417 -16.28 17.48 -35.77
CA GLN A 417 -17.42 16.61 -36.05
C GLN A 417 -18.19 17.06 -37.29
N SER A 418 -18.28 18.36 -37.53
CA SER A 418 -18.98 18.83 -38.73
C SER A 418 -18.30 18.29 -39.99
N GLN A 419 -16.98 18.44 -40.07
CA GLN A 419 -16.21 17.86 -41.16
C GLN A 419 -16.13 16.34 -41.05
N GLY A 420 -16.64 15.75 -39.96
CA GLY A 420 -16.48 14.34 -39.72
C GLY A 420 -15.11 13.90 -39.27
N ALA A 421 -14.09 14.75 -39.41
CA ALA A 421 -12.70 14.40 -39.15
C ALA A 421 -12.34 14.36 -37.66
N GLY A 422 -13.27 14.14 -36.75
CA GLY A 422 -12.87 14.09 -35.36
C GLY A 422 -14.00 13.89 -34.38
N GLU A 423 -13.70 13.26 -33.25
CA GLU A 423 -14.71 12.96 -32.24
C GLU A 423 -14.03 12.81 -30.89
N PRO A 424 -14.67 13.24 -29.80
CA PRO A 424 -14.11 13.01 -28.47
C PRO A 424 -13.98 11.53 -28.14
N LYS A 425 -13.14 11.22 -27.15
CA LYS A 425 -12.81 9.83 -26.82
C LYS A 425 -12.18 9.73 -25.43
N THR A 426 -12.71 8.86 -24.58
CA THR A 426 -12.04 8.55 -23.32
C THR A 426 -11.01 7.46 -23.55
N GLN A 427 -9.87 7.56 -22.86
CA GLN A 427 -8.86 6.53 -22.93
C GLN A 427 -8.23 6.33 -21.56
N TYR A 428 -7.57 5.19 -21.39
CA TYR A 428 -6.94 4.82 -20.13
C TYR A 428 -5.60 4.18 -20.42
N ARG A 429 -4.59 4.54 -19.64
CA ARG A 429 -3.33 3.84 -19.74
C ARG A 429 -3.44 2.40 -19.24
N LEU A 430 -4.33 2.13 -18.28
CA LEU A 430 -4.52 0.78 -17.76
C LEU A 430 -4.68 -0.24 -18.88
N ARG A 431 -3.79 -1.24 -18.87
CA ARG A 431 -3.90 -2.38 -19.76
C ARG A 431 -4.59 -3.54 -19.04
N ASP A 432 -4.91 -4.58 -19.78
CA ASP A 432 -5.50 -5.76 -19.17
C ASP A 432 -4.44 -6.51 -18.35
N TRP A 433 -4.92 -7.40 -17.51
CA TRP A 433 -4.09 -8.07 -16.51
C TRP A 433 -3.78 -9.48 -17.01
N GLY A 434 -2.56 -9.66 -17.53
CA GLY A 434 -2.09 -10.97 -17.92
C GLY A 434 -1.68 -11.78 -16.72
N ILE A 435 -2.25 -12.97 -16.59
CA ILE A 435 -2.10 -13.79 -15.39
C ILE A 435 -1.31 -15.07 -15.64
N SER A 436 -0.90 -15.34 -16.86
CA SER A 436 -0.22 -16.61 -17.13
C SER A 436 1.26 -16.50 -16.78
N ARG A 437 1.74 -17.53 -16.11
CA ARG A 437 3.15 -17.62 -15.71
C ARG A 437 3.67 -18.97 -16.15
N GLN A 438 4.81 -18.98 -16.83
CA GLN A 438 5.46 -20.23 -17.25
C GLN A 438 6.34 -20.76 -16.11
N ARG A 439 5.67 -21.05 -15.00
CA ARG A 439 6.33 -21.37 -13.74
C ARG A 439 5.62 -22.53 -13.06
N TYR A 440 6.35 -23.25 -12.22
CA TYR A 440 5.78 -24.44 -11.57
C TYR A 440 5.00 -24.06 -10.31
N TRP A 441 5.65 -23.38 -9.37
CA TRP A 441 5.10 -23.21 -8.02
C TRP A 441 4.04 -22.11 -8.07
N GLY A 442 2.86 -22.51 -8.48
CA GLY A 442 1.77 -21.57 -8.68
C GLY A 442 0.48 -22.30 -8.98
N CYS A 443 -0.62 -21.58 -8.81
CA CYS A 443 -1.93 -22.16 -9.03
C CYS A 443 -2.11 -22.60 -10.48
N PRO A 444 -2.39 -23.87 -10.73
CA PRO A 444 -2.65 -24.31 -12.10
C PRO A 444 -3.86 -23.60 -12.70
N ILE A 445 -3.77 -23.33 -14.00
CA ILE A 445 -4.82 -22.63 -14.72
C ILE A 445 -5.84 -23.67 -15.18
N PRO A 446 -7.11 -23.59 -14.73
CA PRO A 446 -8.06 -24.66 -15.02
C PRO A 446 -8.59 -24.61 -16.44
N ILE A 447 -7.73 -24.93 -17.39
CA ILE A 447 -8.11 -25.01 -18.79
C ILE A 447 -7.50 -26.27 -19.38
N VAL A 448 -8.29 -27.02 -20.14
CA VAL A 448 -7.85 -28.21 -20.83
C VAL A 448 -8.02 -27.96 -22.32
N HIS A 449 -6.95 -28.15 -23.09
CA HIS A 449 -6.95 -27.87 -24.52
C HIS A 449 -7.27 -29.15 -25.28
N CYS A 450 -8.33 -29.10 -26.07
CA CYS A 450 -8.80 -30.22 -26.85
C CYS A 450 -8.84 -29.80 -28.31
N GLU A 451 -8.35 -30.67 -29.19
CA GLU A 451 -8.30 -30.33 -30.61
C GLU A 451 -9.68 -30.17 -31.20
N LYS A 452 -10.67 -30.91 -30.68
CA LYS A 452 -12.03 -30.79 -31.16
C LYS A 452 -12.74 -29.61 -30.51
N CYS A 453 -12.62 -29.47 -29.19
CA CYS A 453 -13.43 -28.52 -28.43
C CYS A 453 -12.69 -27.23 -28.06
N GLY A 454 -11.43 -27.07 -28.46
CA GLY A 454 -10.71 -25.84 -28.12
C GLY A 454 -10.26 -25.78 -26.66
N ASN A 455 -10.19 -24.55 -26.14
CA ASN A 455 -9.76 -24.29 -24.77
C ASN A 455 -11.00 -24.35 -23.88
N VAL A 456 -11.16 -25.44 -23.14
CA VAL A 456 -12.36 -25.64 -22.34
C VAL A 456 -12.01 -25.56 -20.85
N PRO A 457 -12.86 -24.96 -20.02
CA PRO A 457 -12.56 -24.90 -18.59
C PRO A 457 -13.00 -26.16 -17.85
N VAL A 458 -12.29 -26.46 -16.77
CA VAL A 458 -12.57 -27.66 -16.00
C VAL A 458 -13.91 -27.50 -15.28
N PRO A 459 -14.78 -28.49 -15.32
CA PRO A 459 -16.05 -28.39 -14.59
C PRO A 459 -15.84 -28.21 -13.09
N ALA A 460 -16.74 -27.45 -12.46
CA ALA A 460 -16.61 -27.14 -11.04
C ALA A 460 -16.55 -28.39 -10.17
N ASP A 461 -17.11 -29.51 -10.63
CA ASP A 461 -17.03 -30.75 -9.85
C ASP A 461 -15.61 -31.27 -9.74
N GLN A 462 -14.79 -31.06 -10.78
CA GLN A 462 -13.42 -31.58 -10.81
C GLN A 462 -12.43 -30.72 -10.07
N LEU A 463 -12.79 -29.48 -9.72
CA LEU A 463 -11.84 -28.60 -9.06
C LEU A 463 -11.55 -29.14 -7.67
N PRO A 464 -10.29 -29.05 -7.20
CA PRO A 464 -9.15 -28.37 -7.83
C PRO A 464 -8.40 -29.16 -8.90
N VAL A 465 -7.80 -28.45 -9.86
CA VAL A 465 -6.71 -28.99 -10.65
C VAL A 465 -5.46 -28.92 -9.79
N VAL A 466 -5.02 -30.07 -9.30
CA VAL A 466 -4.03 -30.14 -8.23
C VAL A 466 -2.63 -29.97 -8.81
N LEU A 467 -1.88 -29.04 -8.26
CA LEU A 467 -0.46 -28.93 -8.59
C LEU A 467 0.31 -30.03 -7.87
N PRO A 468 0.99 -30.93 -8.60
CA PRO A 468 1.76 -31.97 -7.92
C PRO A 468 2.93 -31.36 -7.16
N GLU A 469 3.09 -31.80 -5.90
CA GLU A 469 4.06 -31.17 -5.02
C GLU A 469 5.41 -31.85 -5.03
N ASN A 470 5.51 -33.07 -5.56
CA ASN A 470 6.77 -33.81 -5.60
C ASN A 470 7.52 -33.49 -6.89
N VAL A 471 8.02 -32.26 -6.94
CA VAL A 471 8.72 -31.72 -8.09
C VAL A 471 9.89 -30.90 -7.59
N VAL A 472 11.00 -30.92 -8.34
CA VAL A 472 12.16 -30.10 -8.04
C VAL A 472 12.52 -29.35 -9.30
N PRO A 473 11.99 -28.15 -9.51
CA PRO A 473 12.21 -27.45 -10.78
C PRO A 473 13.69 -27.19 -11.02
N ASP A 474 14.10 -27.30 -12.28
CA ASP A 474 15.49 -27.14 -12.66
C ASP A 474 15.82 -25.74 -13.17
N GLY A 475 14.82 -24.90 -13.38
CA GLY A 475 15.01 -23.61 -14.01
C GLY A 475 15.18 -23.66 -15.51
N MET A 476 15.48 -24.83 -16.08
CA MET A 476 15.56 -25.00 -17.53
C MET A 476 14.20 -25.46 -18.08
N GLY A 477 13.19 -24.64 -17.85
CA GLY A 477 11.87 -24.85 -18.39
C GLY A 477 10.80 -24.74 -17.32
N SER A 478 9.59 -25.18 -17.67
CA SER A 478 8.49 -25.31 -16.73
C SER A 478 8.20 -26.79 -16.56
N PRO A 479 8.44 -27.36 -15.37
CA PRO A 479 8.35 -28.82 -15.25
C PRO A 479 6.98 -29.39 -15.56
N LEU A 480 5.91 -28.58 -15.45
CA LEU A 480 4.58 -29.05 -15.80
C LEU A 480 4.50 -29.40 -17.29
N ALA A 481 5.08 -28.55 -18.14
CA ALA A 481 5.09 -28.78 -19.58
C ALA A 481 5.93 -29.98 -19.99
N LYS A 482 6.62 -30.64 -19.05
CA LYS A 482 7.37 -31.86 -19.34
C LYS A 482 6.92 -33.03 -18.48
N MET A 483 5.78 -32.92 -17.79
CA MET A 483 5.26 -33.99 -16.94
C MET A 483 4.03 -34.60 -17.59
N PRO A 484 4.18 -35.60 -18.45
CA PRO A 484 3.00 -36.20 -19.10
C PRO A 484 1.98 -36.72 -18.10
N GLU A 485 2.43 -37.26 -16.97
CA GLU A 485 1.49 -37.69 -15.95
C GLU A 485 0.63 -36.54 -15.44
N PHE A 486 1.03 -35.30 -15.71
CA PHE A 486 0.25 -34.13 -15.32
C PHE A 486 -0.63 -33.60 -16.45
N TYR A 487 -0.03 -33.26 -17.61
CA TYR A 487 -0.80 -32.52 -18.61
C TYR A 487 -1.72 -33.40 -19.46
N GLU A 488 -1.45 -34.70 -19.55
CA GLU A 488 -2.34 -35.61 -20.28
C GLU A 488 -3.61 -35.85 -19.49
N THR A 489 -4.76 -35.63 -20.13
CA THR A 489 -6.05 -35.82 -19.47
C THR A 489 -7.12 -36.12 -20.50
N SER A 490 -8.37 -36.09 -20.08
CA SER A 490 -9.53 -36.27 -20.94
C SER A 490 -10.15 -34.92 -21.26
N CYS A 491 -10.90 -34.88 -22.34
CA CYS A 491 -11.67 -33.67 -22.57
C CYS A 491 -12.95 -33.73 -21.74
N PRO A 492 -13.28 -32.68 -20.98
CA PRO A 492 -14.53 -32.71 -20.22
C PRO A 492 -15.77 -32.56 -21.08
N CYS A 493 -15.64 -32.07 -22.30
CA CYS A 493 -16.80 -31.87 -23.17
C CYS A 493 -17.07 -33.06 -24.07
N CYS A 494 -16.02 -33.73 -24.58
CA CYS A 494 -16.20 -34.86 -25.48
C CYS A 494 -15.56 -36.16 -25.01
N GLY A 495 -14.69 -36.13 -23.99
CA GLY A 495 -14.10 -37.34 -23.46
C GLY A 495 -12.90 -37.88 -24.20
N GLY A 496 -12.39 -37.16 -25.19
CA GLY A 496 -11.24 -37.60 -25.95
C GLY A 496 -9.92 -37.13 -25.35
N ALA A 497 -8.84 -37.48 -26.04
CA ALA A 497 -7.51 -37.06 -25.60
C ALA A 497 -7.42 -35.54 -25.61
N ALA A 498 -6.76 -35.01 -24.59
CA ALA A 498 -6.58 -33.57 -24.46
C ALA A 498 -5.45 -33.34 -23.48
N LYS A 499 -4.93 -32.10 -23.47
CA LYS A 499 -3.83 -31.72 -22.61
C LYS A 499 -4.25 -30.57 -21.72
N ARG A 500 -3.78 -30.58 -20.47
CA ARG A 500 -4.07 -29.47 -19.58
C ARG A 500 -3.24 -28.25 -19.96
N GLU A 501 -3.72 -27.09 -19.56
CA GLU A 501 -2.86 -25.93 -19.51
C GLU A 501 -1.73 -26.22 -18.54
N THR A 502 -0.52 -25.74 -18.86
CA THR A 502 0.62 -25.98 -18.00
C THR A 502 1.16 -24.73 -17.34
N ASP A 503 0.80 -23.56 -17.83
CA ASP A 503 1.14 -22.33 -17.12
C ASP A 503 0.34 -22.22 -15.83
N THR A 504 0.89 -21.50 -14.87
CA THR A 504 0.23 -21.25 -13.61
C THR A 504 -0.13 -19.76 -13.52
N MET A 505 -0.77 -19.38 -12.43
CA MET A 505 -1.34 -18.04 -12.35
C MET A 505 -0.37 -17.08 -11.69
N ASP A 506 -0.57 -15.80 -11.99
CA ASP A 506 0.08 -14.72 -11.27
C ASP A 506 -0.24 -14.83 -9.78
N THR A 507 0.79 -14.94 -8.94
CA THR A 507 0.53 -15.10 -7.51
C THR A 507 -0.18 -13.91 -6.88
N PHE A 508 -0.29 -12.80 -7.60
CA PHE A 508 -1.19 -11.73 -7.17
C PHE A 508 -2.64 -12.21 -7.07
N ILE A 509 -2.97 -13.34 -7.69
CA ILE A 509 -4.34 -13.83 -7.63
C ILE A 509 -4.71 -14.23 -6.21
N GLU A 510 -3.80 -14.89 -5.49
CA GLU A 510 -4.10 -15.28 -4.11
C GLU A 510 -4.31 -14.06 -3.23
N SER A 511 -3.38 -13.11 -3.28
CA SER A 511 -3.49 -11.93 -2.43
C SER A 511 -4.67 -11.05 -2.81
N SER A 512 -5.38 -11.35 -3.89
CA SER A 512 -6.48 -10.51 -4.35
C SER A 512 -7.81 -10.85 -3.69
N TRP A 513 -7.93 -12.00 -3.03
CA TRP A 513 -9.18 -12.39 -2.38
C TRP A 513 -8.98 -13.06 -1.02
N TYR A 514 -7.75 -13.13 -0.50
CA TYR A 514 -7.54 -13.84 0.76
C TYR A 514 -8.25 -13.19 1.94
N PHE A 515 -8.50 -11.88 1.88
CA PHE A 515 -9.18 -11.22 2.99
C PHE A 515 -10.62 -11.71 3.13
N PHE A 516 -11.23 -12.20 2.05
CA PHE A 516 -12.57 -12.79 2.15
C PHE A 516 -12.51 -14.23 2.64
N ARG A 517 -11.51 -15.00 2.21
CA ARG A 517 -11.40 -16.39 2.61
C ARG A 517 -11.23 -16.53 4.11
N TYR A 518 -10.59 -15.55 4.75
CA TYR A 518 -10.43 -15.54 6.21
C TYR A 518 -11.77 -15.56 6.95
N MET A 519 -12.85 -15.09 6.32
CA MET A 519 -14.17 -15.16 6.94
C MET A 519 -14.67 -16.59 7.09
N SER A 520 -14.25 -17.51 6.22
CA SER A 520 -14.65 -18.91 6.31
C SER A 520 -13.59 -19.82 5.69
N PRO A 521 -12.40 -19.94 6.29
CA PRO A 521 -11.28 -20.60 5.62
C PRO A 521 -11.40 -22.12 5.52
N LYS A 522 -12.45 -22.73 6.07
CA LYS A 522 -12.70 -24.15 5.88
C LYS A 522 -14.02 -24.39 5.15
N PHE A 523 -14.62 -23.35 4.59
CA PHE A 523 -15.85 -23.50 3.83
C PHE A 523 -15.55 -24.22 2.51
N SER A 524 -16.34 -25.25 2.22
CA SER A 524 -16.06 -26.13 1.09
C SER A 524 -17.00 -25.94 -0.10
N ASP A 525 -17.99 -25.06 0.02
CA ASP A 525 -18.97 -24.88 -1.04
C ASP A 525 -18.77 -23.57 -1.81
N GLY A 526 -17.64 -22.90 -1.63
CA GLY A 526 -17.41 -21.67 -2.36
C GLY A 526 -16.25 -20.90 -1.78
N MET A 527 -15.96 -19.77 -2.42
CA MET A 527 -14.90 -18.89 -1.97
C MET A 527 -15.12 -18.45 -0.54
N VAL A 528 -16.34 -18.05 -0.21
CA VAL A 528 -16.68 -17.51 1.11
C VAL A 528 -18.16 -17.72 1.39
N SER A 529 -18.47 -18.37 2.51
CA SER A 529 -19.86 -18.56 2.90
C SER A 529 -20.53 -17.22 3.13
N ALA A 530 -21.76 -17.08 2.62
CA ALA A 530 -22.49 -15.84 2.77
C ALA A 530 -22.75 -15.51 4.23
N GLU A 531 -22.93 -16.53 5.07
CA GLU A 531 -23.13 -16.29 6.50
C GLU A 531 -21.98 -15.49 7.08
N SER A 532 -20.75 -15.87 6.76
CA SER A 532 -19.59 -15.15 7.27
C SER A 532 -19.38 -13.82 6.54
N ALA A 533 -19.64 -13.78 5.24
CA ALA A 533 -19.48 -12.54 4.49
C ALA A 533 -20.46 -11.47 4.99
N LYS A 534 -21.70 -11.85 5.28
CA LYS A 534 -22.66 -10.88 5.80
C LYS A 534 -22.18 -10.31 7.13
N TYR A 535 -21.58 -11.14 7.97
CA TYR A 535 -21.17 -10.68 9.30
C TYR A 535 -19.96 -9.78 9.22
N TRP A 536 -18.91 -10.22 8.54
CA TRP A 536 -17.64 -9.50 8.57
C TRP A 536 -17.64 -8.31 7.61
N GLY A 537 -18.42 -8.37 6.54
CA GLY A 537 -18.53 -7.25 5.63
C GLY A 537 -17.23 -6.95 4.92
N ALA A 538 -16.50 -5.93 5.38
CA ALA A 538 -15.26 -5.49 4.75
C ALA A 538 -14.18 -5.30 5.80
N VAL A 539 -12.93 -5.31 5.33
CA VAL A 539 -11.79 -5.08 6.23
C VAL A 539 -11.89 -3.67 6.76
N ASP A 540 -12.04 -3.54 8.08
CA ASP A 540 -12.10 -2.22 8.69
C ASP A 540 -10.77 -1.50 8.62
N GLN A 541 -9.67 -2.22 8.80
CA GLN A 541 -8.33 -1.65 8.82
C GLN A 541 -7.34 -2.60 8.15
N TYR A 542 -6.58 -2.07 7.20
CA TYR A 542 -5.56 -2.82 6.49
C TYR A 542 -4.22 -2.18 6.82
N ILE A 543 -3.19 -3.01 7.03
CA ILE A 543 -1.86 -2.50 7.30
C ILE A 543 -0.87 -3.25 6.41
N GLY A 544 -0.02 -2.49 5.71
CA GLY A 544 0.97 -3.06 4.82
C GLY A 544 1.95 -2.01 4.34
N GLY A 545 2.91 -2.46 3.53
CA GLY A 545 3.92 -1.56 2.98
C GLY A 545 3.46 -0.86 1.71
N ILE A 546 4.04 0.32 1.46
CA ILE A 546 3.66 1.11 0.27
C ILE A 546 4.05 0.41 -1.01
N GLU A 547 4.92 -0.59 -0.94
CA GLU A 547 5.29 -1.35 -2.12
C GLU A 547 4.08 -2.05 -2.75
N HIS A 548 2.93 -2.05 -2.08
CA HIS A 548 1.73 -2.66 -2.62
C HIS A 548 0.62 -1.65 -2.87
N ALA A 549 0.92 -0.35 -2.78
CA ALA A 549 -0.09 0.69 -2.89
C ALA A 549 -0.79 0.72 -4.25
N ILE A 550 -0.18 0.16 -5.29
CA ILE A 550 -0.74 0.29 -6.64
C ILE A 550 -1.35 -1.02 -7.11
N LEU A 551 -0.50 -2.00 -7.43
CA LEU A 551 -0.96 -3.22 -8.10
C LEU A 551 -1.77 -4.11 -7.16
N HIS A 552 -1.24 -4.41 -5.97
CA HIS A 552 -1.97 -5.32 -5.09
C HIS A 552 -3.30 -4.72 -4.65
N LEU A 553 -3.31 -3.42 -4.32
CA LEU A 553 -4.56 -2.82 -3.90
C LEU A 553 -5.54 -2.76 -5.07
N LEU A 554 -5.05 -2.43 -6.26
CA LEU A 554 -5.90 -2.41 -7.45
C LEU A 554 -6.47 -3.79 -7.74
N TYR A 555 -5.64 -4.84 -7.66
CA TYR A 555 -6.14 -6.19 -7.91
C TYR A 555 -7.09 -6.65 -6.80
N ALA A 556 -6.79 -6.29 -5.55
CA ALA A 556 -7.71 -6.61 -4.46
C ALA A 556 -9.05 -5.93 -4.65
N ARG A 557 -9.06 -4.67 -5.07
CA ARG A 557 -10.33 -3.97 -5.30
C ARG A 557 -11.06 -4.55 -6.50
N PHE A 558 -10.32 -4.91 -7.53
CA PHE A 558 -10.93 -5.48 -8.74
C PHE A 558 -11.58 -6.82 -8.44
N PHE A 559 -10.89 -7.68 -7.69
CA PHE A 559 -11.45 -8.99 -7.34
C PHE A 559 -12.67 -8.83 -6.46
N THR A 560 -12.67 -7.83 -5.59
CA THR A 560 -13.84 -7.56 -4.76
C THR A 560 -15.06 -7.28 -5.62
N LYS A 561 -14.91 -6.40 -6.62
CA LYS A 561 -16.06 -6.05 -7.45
C LYS A 561 -16.45 -7.19 -8.37
N LEU A 562 -15.49 -8.03 -8.76
CA LEU A 562 -15.84 -9.25 -9.48
C LEU A 562 -16.61 -10.20 -8.57
N MET A 563 -16.10 -10.40 -7.35
CA MET A 563 -16.78 -11.30 -6.43
C MET A 563 -18.14 -10.78 -6.03
N ARG A 564 -18.28 -9.45 -5.91
CA ARG A 564 -19.60 -8.88 -5.68
C ARG A 564 -20.53 -9.20 -6.83
N ASP A 565 -20.08 -8.93 -8.06
CA ASP A 565 -20.93 -9.14 -9.23
C ASP A 565 -21.27 -10.62 -9.43
N GLU A 566 -20.53 -11.53 -8.82
CA GLU A 566 -20.91 -12.94 -8.73
C GLU A 566 -21.88 -13.22 -7.60
N GLY A 567 -22.18 -12.25 -6.76
CA GLY A 567 -23.06 -12.48 -5.62
C GLY A 567 -22.42 -13.22 -4.47
N LEU A 568 -21.10 -13.25 -4.38
CA LEU A 568 -20.42 -13.87 -3.26
C LEU A 568 -20.24 -12.91 -2.08
N VAL A 569 -20.14 -11.61 -2.35
CA VAL A 569 -20.09 -10.57 -1.32
C VAL A 569 -20.94 -9.40 -1.79
N ASN A 570 -21.17 -8.46 -0.88
CA ASN A 570 -22.01 -7.30 -1.19
C ASN A 570 -21.29 -5.96 -1.01
N VAL A 571 -20.06 -5.96 -0.51
CA VAL A 571 -19.28 -4.72 -0.47
C VAL A 571 -18.74 -4.40 -1.86
N ASP A 572 -18.46 -3.11 -2.07
CA ASP A 572 -17.81 -2.64 -3.29
C ASP A 572 -16.30 -2.54 -3.12
N GLU A 573 -15.85 -2.13 -1.95
CA GLU A 573 -14.45 -1.88 -1.63
C GLU A 573 -14.01 -2.77 -0.47
N PRO A 574 -12.80 -3.33 -0.52
CA PRO A 574 -12.38 -4.26 0.53
C PRO A 574 -11.81 -3.62 1.79
N PHE A 575 -11.12 -2.49 1.68
CA PHE A 575 -10.39 -1.91 2.82
C PHE A 575 -10.86 -0.48 3.06
N GLU A 576 -11.52 -0.27 4.20
CA GLU A 576 -11.98 1.06 4.59
C GLU A 576 -10.81 1.94 5.02
N ARG A 577 -10.15 1.58 6.11
CA ARG A 577 -8.95 2.28 6.57
C ARG A 577 -7.71 1.61 5.98
N LEU A 578 -6.68 2.42 5.74
CA LEU A 578 -5.44 1.92 5.15
C LEU A 578 -4.26 2.62 5.80
N LEU A 579 -3.34 1.85 6.38
CA LEU A 579 -2.15 2.38 7.04
C LEU A 579 -0.90 1.81 6.37
N THR A 580 -0.01 2.70 5.96
CA THR A 580 1.22 2.31 5.27
C THR A 580 2.37 2.31 6.26
N GLN A 581 2.86 1.13 6.58
CA GLN A 581 4.04 0.98 7.43
C GLN A 581 5.29 1.50 6.72
N GLY A 582 6.10 2.27 7.45
CA GLY A 582 7.38 2.70 6.91
C GLY A 582 8.45 1.63 7.05
N MET A 583 9.43 1.66 6.15
CA MET A 583 10.44 0.60 6.10
C MET A 583 11.34 0.65 7.33
N VAL A 584 12.12 -0.41 7.50
CA VAL A 584 13.05 -0.56 8.62
C VAL A 584 14.48 -0.60 8.06
N VAL A 585 15.29 0.35 8.49
CA VAL A 585 16.66 0.49 8.00
C VAL A 585 17.63 0.12 9.11
N CYS A 586 18.87 -0.16 8.70
CA CYS A 586 19.94 -0.56 9.60
C CYS A 586 21.26 -0.26 8.91
N GLU A 587 22.28 0.02 9.72
CA GLU A 587 23.61 0.26 9.18
C GLU A 587 24.11 -1.00 8.46
N THR A 588 25.05 -0.79 7.55
CA THR A 588 25.68 -1.89 6.84
C THR A 588 27.15 -1.96 7.22
N TYR A 589 27.75 -3.12 6.97
CA TYR A 589 29.13 -3.35 7.36
C TYR A 589 29.86 -4.13 6.28
N TYR A 590 31.04 -3.67 5.91
CA TYR A 590 31.89 -4.40 4.98
C TYR A 590 33.37 -4.08 5.21
N LYS A 598 32.58 -4.63 -0.52
CA LYS A 598 33.13 -5.83 -1.14
C LYS A 598 32.69 -7.11 -0.44
N ASP A 599 32.40 -7.01 0.87
CA ASP A 599 32.07 -8.19 1.66
C ASP A 599 31.19 -7.72 2.83
N TRP A 600 29.87 -7.91 2.68
CA TRP A 600 28.91 -7.30 3.60
C TRP A 600 28.61 -8.23 4.77
N ILE A 601 28.72 -7.68 5.99
CA ILE A 601 28.75 -8.45 7.22
C ILE A 601 27.49 -8.18 8.04
N ASN A 602 26.76 -9.24 8.36
CA ASN A 602 25.57 -9.11 9.18
C ASN A 602 25.94 -8.44 10.51
N PRO A 603 25.15 -7.47 10.98
CA PRO A 603 25.55 -6.73 12.19
C PRO A 603 25.75 -7.61 13.42
N ALA A 604 24.90 -8.62 13.62
CA ALA A 604 25.07 -9.53 14.75
C ALA A 604 26.40 -10.27 14.69
N ASP A 605 26.99 -10.44 13.52
CA ASP A 605 28.31 -11.04 13.36
C ASP A 605 29.44 -10.01 13.46
N VAL A 606 29.21 -8.89 14.12
CA VAL A 606 30.13 -7.77 14.07
C VAL A 606 30.24 -7.16 15.47
N GLU A 607 31.48 -6.83 15.87
CA GLU A 607 31.75 -6.19 17.16
C GLU A 607 32.05 -4.72 16.89
N LEU A 608 31.06 -3.86 17.16
CA LEU A 608 31.12 -2.45 16.81
C LEU A 608 31.40 -1.62 18.06
N THR A 609 32.60 -1.80 18.61
CA THR A 609 33.13 -1.04 19.76
C THR A 609 32.06 -0.58 20.77
N VAL A 617 32.74 4.46 18.26
CA VAL A 617 33.93 5.10 17.72
C VAL A 617 34.49 4.32 16.52
N SER A 618 34.66 3.00 16.68
CA SER A 618 35.19 2.16 15.62
C SER A 618 34.27 0.97 15.35
N ALA A 619 34.82 -0.11 14.80
CA ALA A 619 34.08 -1.34 14.52
C ALA A 619 35.00 -2.41 13.95
N VAL A 620 34.92 -3.65 14.47
CA VAL A 620 35.70 -4.78 13.97
C VAL A 620 34.80 -6.00 13.89
N LEU A 621 35.34 -7.07 13.30
CA LEU A 621 34.61 -8.33 13.18
C LEU A 621 34.27 -8.89 14.56
N LYS A 622 33.33 -9.83 14.58
CA LYS A 622 33.04 -10.57 15.81
C LYS A 622 33.92 -11.81 15.96
N ALA A 623 34.39 -12.37 14.85
CA ALA A 623 35.25 -13.55 14.89
C ALA A 623 36.71 -13.14 14.72
N ASP A 624 37.07 -12.67 13.53
CA ASP A 624 38.48 -12.39 13.23
C ASP A 624 39.01 -11.22 14.07
N GLY A 625 38.14 -10.30 14.49
CA GLY A 625 38.58 -9.15 15.25
C GLY A 625 39.37 -8.12 14.47
N LEU A 626 39.53 -8.31 13.15
CA LEU A 626 40.21 -7.35 12.30
C LEU A 626 39.32 -6.16 12.00
N PRO A 627 39.91 -4.99 11.74
CA PRO A 627 39.09 -3.80 11.46
C PRO A 627 38.15 -4.01 10.29
N VAL A 628 36.86 -3.74 10.52
CA VAL A 628 35.83 -3.85 9.50
C VAL A 628 35.25 -2.46 9.24
N VAL A 629 34.71 -2.28 8.04
CA VAL A 629 34.24 -0.98 7.58
C VAL A 629 32.78 -0.79 7.93
N ILE A 630 32.47 0.30 8.63
CA ILE A 630 31.10 0.66 8.97
C ILE A 630 30.55 1.55 7.86
N SER A 631 29.67 1.00 7.03
CA SER A 631 29.17 1.69 5.86
C SER A 631 27.92 2.49 6.21
N GLY A 632 27.11 2.85 5.21
CA GLY A 632 25.94 3.68 5.43
C GLY A 632 24.72 2.86 5.81
N THR A 633 23.60 3.57 5.96
CA THR A 633 22.38 3.01 6.52
C THR A 633 21.29 2.95 5.45
N GLU A 634 20.64 1.80 5.34
CA GLU A 634 19.62 1.61 4.32
C GLU A 634 18.68 0.50 4.75
N LYS A 635 17.62 0.32 3.95
CA LYS A 635 16.63 -0.70 4.19
C LYS A 635 17.30 -2.04 4.48
N MET A 636 16.82 -2.72 5.52
CA MET A 636 17.32 -4.05 5.82
C MET A 636 17.07 -4.97 4.64
N SER A 637 18.13 -5.63 4.16
CA SER A 637 18.06 -6.30 2.88
C SER A 637 18.99 -7.52 2.90
N LYS A 638 19.01 -8.24 1.78
CA LYS A 638 20.02 -9.25 1.53
C LYS A 638 21.13 -8.75 0.62
N SER A 639 20.90 -7.64 -0.10
CA SER A 639 21.91 -7.15 -1.02
C SER A 639 23.11 -6.57 -0.27
N LYS A 640 22.90 -6.09 0.96
CA LYS A 640 24.00 -5.59 1.78
C LYS A 640 24.06 -6.29 3.13
N ASN A 641 23.39 -7.43 3.29
CA ASN A 641 23.48 -8.30 4.46
C ASN A 641 23.40 -7.48 5.76
N ASN A 642 22.28 -6.77 5.90
CA ASN A 642 22.03 -5.96 7.10
C ASN A 642 20.67 -6.26 7.70
N GLY A 643 20.05 -7.39 7.35
CA GLY A 643 18.83 -7.81 8.00
C GLY A 643 19.11 -8.31 9.42
N VAL A 644 18.46 -7.72 10.41
CA VAL A 644 18.65 -8.10 11.81
C VAL A 644 17.57 -9.12 12.15
N ASP A 645 17.98 -10.36 12.40
CA ASP A 645 17.01 -11.43 12.65
C ASP A 645 16.26 -11.11 13.94
N PRO A 646 14.95 -10.91 13.87
CA PRO A 646 14.19 -10.66 15.11
C PRO A 646 14.28 -11.79 16.13
N GLN A 647 14.73 -12.98 15.72
CA GLN A 647 14.96 -14.04 16.69
C GLN A 647 16.12 -13.71 17.60
N GLU A 648 17.12 -13.00 17.09
CA GLU A 648 18.19 -12.48 17.94
C GLU A 648 17.64 -11.46 18.95
N LEU A 649 16.58 -10.76 18.57
CA LEU A 649 16.00 -9.75 19.45
C LEU A 649 15.15 -10.40 20.54
N ILE A 650 14.33 -11.37 20.16
CA ILE A 650 13.45 -12.03 21.12
C ILE A 650 14.26 -12.79 22.17
N ASN A 651 15.28 -13.55 21.74
CA ASN A 651 16.08 -14.29 22.72
C ASN A 651 16.77 -13.37 23.72
N ALA A 652 17.16 -12.18 23.29
CA ALA A 652 18.00 -11.32 24.09
C ALA A 652 17.23 -10.42 25.05
N TYR A 653 16.03 -9.97 24.67
CA TYR A 653 15.29 -8.99 25.44
C TYR A 653 13.81 -9.32 25.66
N GLY A 654 13.28 -10.33 25.02
CA GLY A 654 11.86 -10.63 25.11
C GLY A 654 11.05 -9.99 23.99
N ALA A 655 9.84 -10.52 23.79
CA ALA A 655 8.96 -10.02 22.75
C ALA A 655 8.50 -8.60 23.04
N ASP A 656 8.15 -8.30 24.29
CA ASP A 656 7.63 -6.96 24.61
C ASP A 656 8.65 -5.88 24.30
N THR A 657 9.93 -6.12 24.59
CA THR A 657 10.96 -5.15 24.26
C THR A 657 11.02 -4.92 22.76
N ALA A 658 10.78 -5.97 21.98
CA ALA A 658 10.80 -5.85 20.52
C ALA A 658 9.62 -5.01 20.04
N ARG A 659 8.40 -5.37 20.45
CA ARG A 659 7.22 -4.61 20.06
C ARG A 659 7.33 -3.17 20.54
N LEU A 660 7.78 -2.96 21.77
CA LEU A 660 7.89 -1.62 22.30
C LEU A 660 8.89 -0.79 21.51
N PHE A 661 10.02 -1.40 21.14
CA PHE A 661 11.05 -0.65 20.43
C PHE A 661 10.52 -0.06 19.13
N MET A 662 9.88 -0.90 18.32
CA MET A 662 9.45 -0.43 17.00
C MET A 662 8.27 0.52 17.07
N MET A 663 7.34 0.34 18.02
CA MET A 663 6.24 1.28 18.15
C MET A 663 6.70 2.63 18.71
N PHE A 664 7.85 2.67 19.37
CA PHE A 664 8.32 3.89 20.00
C PHE A 664 9.40 4.59 19.20
N ALA A 665 10.16 3.85 18.39
CA ALA A 665 11.29 4.43 17.68
C ALA A 665 10.84 5.54 16.74
N ALA A 666 9.77 5.33 16.00
CA ALA A 666 9.27 6.30 15.04
C ALA A 666 7.79 6.05 14.82
N PRO A 667 7.07 7.04 14.30
CA PRO A 667 5.69 6.80 13.86
C PRO A 667 5.65 5.72 12.80
N PRO A 668 4.52 5.04 12.64
CA PRO A 668 4.49 3.91 11.70
C PRO A 668 4.81 4.28 10.27
N GLU A 669 4.29 5.39 9.74
CA GLU A 669 4.53 5.72 8.34
C GLU A 669 5.99 6.02 8.05
N GLN A 670 6.77 6.38 9.07
CA GLN A 670 8.13 6.86 8.88
C GLN A 670 9.13 5.72 9.04
N SER A 671 10.27 5.86 8.38
CA SER A 671 11.32 4.85 8.43
C SER A 671 11.82 4.66 9.87
N LEU A 672 12.13 3.42 10.22
CA LEU A 672 12.54 3.04 11.56
C LEU A 672 14.00 2.60 11.54
N GLU A 673 14.85 3.40 12.18
CA GLU A 673 16.29 3.10 12.22
C GLU A 673 16.59 2.14 13.36
N TRP A 674 17.20 1.02 13.02
CA TRP A 674 17.63 0.07 14.04
C TRP A 674 18.67 0.73 14.96
N SER A 675 18.57 0.42 16.25
CA SER A 675 19.35 1.13 17.27
C SER A 675 19.54 0.21 18.46
N ASP A 676 20.79 -0.14 18.77
CA ASP A 676 21.07 -0.95 19.95
C ASP A 676 20.61 -0.25 21.21
N SER A 677 20.98 1.03 21.36
CA SER A 677 20.53 1.79 22.53
C SER A 677 19.02 1.94 22.56
N GLY A 678 18.38 1.87 21.40
CA GLY A 678 16.92 1.96 21.37
C GLY A 678 16.27 0.75 22.01
N VAL A 679 16.69 -0.44 21.61
CA VAL A 679 16.16 -1.66 22.22
C VAL A 679 16.45 -1.68 23.71
N GLU A 680 17.67 -1.29 24.11
CA GLU A 680 18.02 -1.20 25.52
C GLU A 680 17.03 -0.32 26.29
N GLY A 681 16.79 0.89 25.78
CA GLY A 681 15.86 1.78 26.44
C GLY A 681 14.47 1.19 26.58
N ALA A 682 13.97 0.55 25.53
CA ALA A 682 12.69 -0.12 25.60
C ALA A 682 12.68 -1.16 26.72
N HIS A 683 13.74 -1.97 26.83
CA HIS A 683 13.81 -2.98 27.87
C HIS A 683 13.90 -2.35 29.25
N ARG A 684 14.68 -1.28 29.39
CA ARG A 684 14.77 -0.58 30.67
C ARG A 684 13.42 -0.01 31.08
N PHE A 685 12.67 0.55 30.13
CA PHE A 685 11.37 1.08 30.49
C PHE A 685 10.43 -0.01 30.96
N LEU A 686 10.49 -1.20 30.33
CA LEU A 686 9.71 -2.32 30.81
C LEU A 686 10.19 -2.76 32.19
N ARG A 687 11.51 -2.72 32.41
CA ARG A 687 12.04 -2.99 33.74
C ARG A 687 11.50 -2.00 34.76
N ARG A 688 11.42 -0.72 34.39
CA ARG A 688 10.88 0.30 35.29
C ARG A 688 9.39 0.09 35.53
N LEU A 689 8.62 -0.15 34.46
CA LEU A 689 7.22 -0.44 34.64
C LEU A 689 7.01 -1.59 35.60
N TRP A 690 7.86 -2.61 35.51
CA TRP A 690 7.76 -3.75 36.41
C TRP A 690 8.07 -3.33 37.84
N ARG A 691 9.13 -2.53 38.02
CA ARG A 691 9.54 -2.14 39.37
C ARG A 691 8.51 -1.22 40.02
N THR A 692 7.88 -0.34 39.24
CA THR A 692 6.88 0.57 39.77
C THR A 692 5.77 -0.21 40.48
N VAL A 693 5.21 -1.22 39.81
CA VAL A 693 4.17 -2.03 40.42
C VAL A 693 4.72 -2.77 41.63
N TYR A 694 5.92 -3.36 41.50
CA TYR A 694 6.50 -4.12 42.60
C TYR A 694 6.70 -3.23 43.82
N GLU A 695 7.40 -2.10 43.64
CA GLU A 695 7.55 -1.15 44.74
C GLU A 695 6.20 -0.73 45.30
N TYR A 696 5.18 -0.61 44.45
CA TYR A 696 3.87 -0.16 44.93
C TYR A 696 3.20 -1.22 45.78
N LEU A 697 3.26 -2.49 45.36
CA LEU A 697 2.65 -3.57 46.11
C LEU A 697 3.49 -4.02 47.29
N LYS A 698 4.78 -3.67 47.32
CA LYS A 698 5.61 -4.08 48.44
C LYS A 698 5.24 -3.33 49.71
N GLN A 699 4.66 -2.14 49.58
CA GLN A 699 4.29 -1.35 50.76
C GLN A 699 2.78 -1.17 50.88
N GLY A 700 2.03 -2.28 50.82
CA GLY A 700 0.59 -2.20 51.06
C GLY A 700 -0.27 -3.24 50.36
N GLY A 701 0.16 -3.75 49.22
CA GLY A 701 -0.68 -4.65 48.46
C GLY A 701 -1.82 -3.89 47.79
N ALA A 702 -2.64 -4.64 47.06
CA ALA A 702 -3.68 -4.03 46.24
C ALA A 702 -4.71 -3.33 47.12
N VAL A 703 -5.44 -2.39 46.49
CA VAL A 703 -6.55 -1.70 47.12
C VAL A 703 -7.49 -1.27 46.02
N LYS A 704 -8.72 -0.93 46.38
CA LYS A 704 -9.69 -0.48 45.40
C LYS A 704 -9.25 0.84 44.79
N ALA A 705 -9.10 0.86 43.47
CA ALA A 705 -8.70 2.09 42.78
C ALA A 705 -9.67 3.23 43.09
N PHE A 706 -9.11 4.43 43.27
CA PHE A 706 -9.94 5.60 43.51
C PHE A 706 -10.95 5.78 42.38
N ALA A 707 -12.16 6.20 42.75
CA ALA A 707 -13.24 6.43 41.80
C ALA A 707 -14.30 7.31 42.43
N GLY A 708 -14.90 8.17 41.61
CA GLY A 708 -15.99 9.01 42.05
C GLY A 708 -15.57 10.45 42.29
N ASN A 709 -16.39 11.13 43.09
CA ASN A 709 -16.12 12.51 43.47
C ASN A 709 -14.72 12.64 44.04
N GLN A 710 -13.91 13.53 43.47
CA GLN A 710 -12.56 13.76 43.95
C GLN A 710 -12.44 15.01 44.80
N ASP A 711 -13.57 15.64 45.17
CA ASP A 711 -13.52 16.77 46.08
C ASP A 711 -12.92 16.33 47.41
N GLY A 712 -12.09 17.19 48.00
CA GLY A 712 -11.40 16.82 49.21
C GLY A 712 -10.09 16.10 49.00
N LEU A 713 -9.80 15.63 47.79
CA LEU A 713 -8.45 15.19 47.49
C LEU A 713 -7.50 16.38 47.56
N SER A 714 -6.27 16.10 47.98
CA SER A 714 -5.26 17.15 48.01
C SER A 714 -5.00 17.66 46.61
N LYS A 715 -4.43 18.87 46.53
CA LYS A 715 -4.05 19.45 45.26
C LYS A 715 -3.13 18.51 44.48
N GLU A 716 -2.18 17.87 45.16
CA GLU A 716 -1.23 17.01 44.48
C GLU A 716 -1.91 15.81 43.85
N LEU A 717 -2.70 15.08 44.64
CA LEU A 717 -3.39 13.92 44.10
C LEU A 717 -4.38 14.32 43.01
N LYS A 718 -4.99 15.51 43.12
CA LYS A 718 -5.93 15.97 42.10
C LYS A 718 -5.22 16.17 40.76
N ASP A 719 -4.06 16.81 40.79
CA ASP A 719 -3.28 16.97 39.57
C ASP A 719 -2.90 15.63 38.96
N LEU A 720 -2.48 14.66 39.78
CA LEU A 720 -2.14 13.35 39.24
C LEU A 720 -3.36 12.69 38.58
N ARG A 721 -4.54 12.80 39.19
CA ARG A 721 -5.75 12.32 38.53
C ARG A 721 -6.04 13.11 37.26
N HIS A 722 -5.68 14.39 37.23
CA HIS A 722 -5.83 15.15 35.99
C HIS A 722 -4.86 14.64 34.94
N LYS A 723 -3.61 14.39 35.35
CA LYS A 723 -2.62 13.83 34.42
C LYS A 723 -3.02 12.45 33.95
N LEU A 724 -3.66 11.65 34.81
CA LEU A 724 -4.08 10.31 34.41
C LEU A 724 -5.13 10.36 33.32
N HIS A 725 -6.23 11.06 33.58
CA HIS A 725 -7.34 11.02 32.64
C HIS A 725 -7.09 11.86 31.41
N SER A 726 -6.19 12.85 31.47
CA SER A 726 -5.74 13.49 30.24
C SER A 726 -4.85 12.56 29.44
N THR A 727 -4.04 11.73 30.11
CA THR A 727 -3.26 10.72 29.42
C THR A 727 -4.17 9.70 28.73
N THR A 728 -5.18 9.24 29.45
CA THR A 728 -6.11 8.27 28.86
C THR A 728 -6.81 8.84 27.63
N ALA A 729 -7.17 10.12 27.65
CA ALA A 729 -7.79 10.72 26.47
C ALA A 729 -6.79 10.80 25.32
N LYS A 730 -5.53 11.13 25.60
CA LYS A 730 -4.54 11.30 24.55
C LYS A 730 -4.08 9.96 23.98
N VAL A 731 -4.03 8.92 24.82
CA VAL A 731 -3.66 7.60 24.30
C VAL A 731 -4.81 7.01 23.49
N SER A 732 -6.05 7.21 23.96
CA SER A 732 -7.22 6.84 23.17
C SER A 732 -7.20 7.51 21.81
N ASP A 733 -6.80 8.78 21.76
CA ASP A 733 -6.78 9.51 20.50
C ASP A 733 -5.63 9.02 19.62
N ASP A 734 -4.48 8.74 20.23
CA ASP A 734 -3.33 8.32 19.45
C ASP A 734 -3.53 6.92 18.88
N TYR A 735 -4.32 6.08 19.56
CA TYR A 735 -4.59 4.74 19.06
C TYR A 735 -5.68 4.76 17.99
N GLY A 736 -6.75 5.53 18.21
CA GLY A 736 -7.96 5.43 17.42
C GLY A 736 -8.04 6.31 16.19
N ARG A 737 -7.64 7.57 16.32
CA ARG A 737 -7.72 8.50 15.21
C ARG A 737 -6.37 8.77 14.56
N ARG A 738 -5.36 9.16 15.35
CA ARG A 738 -4.07 9.55 14.78
C ARG A 738 -3.22 8.34 14.38
N GLN A 739 -3.38 7.21 15.06
CA GLN A 739 -2.54 6.02 14.84
C GLN A 739 -1.05 6.35 14.94
N GLN A 740 -0.70 7.19 15.92
CA GLN A 740 0.67 7.51 16.27
C GLN A 740 0.95 6.86 17.63
N PHE A 741 1.53 5.68 17.61
CA PHE A 741 1.77 4.91 18.81
C PHE A 741 2.98 5.41 19.60
N ASN A 742 3.91 6.12 18.95
CA ASN A 742 5.09 6.59 19.66
C ASN A 742 4.73 7.70 20.65
N THR A 743 3.83 8.60 20.26
CA THR A 743 3.42 9.66 21.17
C THR A 743 2.53 9.11 22.28
N ALA A 744 1.74 8.07 21.98
CA ALA A 744 0.95 7.40 23.01
C ALA A 744 1.84 6.82 24.10
N ILE A 745 2.94 6.17 23.70
CA ILE A 745 3.88 5.63 24.69
C ILE A 745 4.51 6.76 25.49
N ALA A 746 4.83 7.87 24.81
CA ALA A 746 5.44 8.99 25.50
C ALA A 746 4.52 9.51 26.59
N ALA A 747 3.23 9.62 26.27
CA ALA A 747 2.26 10.17 27.21
C ALA A 747 2.16 9.31 28.47
N VAL A 748 2.25 7.99 28.31
CA VAL A 748 2.19 7.10 29.46
C VAL A 748 3.47 7.21 30.27
N MET A 749 4.60 7.48 29.62
CA MET A 749 5.82 7.77 30.37
C MET A 749 5.68 9.06 31.17
N GLU A 750 4.94 10.04 30.63
CA GLU A 750 4.78 11.30 31.35
C GLU A 750 3.90 11.13 32.58
N LEU A 751 2.91 10.25 32.52
CA LEU A 751 2.06 9.97 33.68
C LEU A 751 2.88 9.33 34.80
N LEU A 752 3.63 8.28 34.47
CA LEU A 752 4.50 7.62 35.44
C LEU A 752 5.49 8.59 36.06
N ASN A 753 6.06 9.50 35.25
CA ASN A 753 6.99 10.49 35.80
C ASN A 753 6.31 11.36 36.84
N GLN A 754 5.06 11.78 36.59
CA GLN A 754 4.35 12.60 37.56
C GLN A 754 3.95 11.77 38.79
N TYR A 755 3.53 10.53 38.57
CA TYR A 755 3.29 9.59 39.66
C TYR A 755 4.52 9.45 40.55
N ASP A 756 5.69 9.23 39.94
CA ASP A 756 6.94 9.09 40.70
C ASP A 756 7.18 10.28 41.63
N LYS A 757 6.78 11.47 41.20
CA LYS A 757 6.95 12.68 42.00
C LYS A 757 5.79 12.93 42.94
N THR A 758 4.77 12.08 42.95
CA THR A 758 3.59 12.29 43.78
C THR A 758 3.63 11.38 44.99
N ASP A 759 3.57 11.99 46.18
CA ASP A 759 3.53 11.25 47.45
C ASP A 759 2.20 10.52 47.53
N THR A 760 2.22 9.23 47.19
CA THR A 760 1.05 8.37 47.20
C THR A 760 0.97 7.55 48.48
N GLY A 761 1.46 8.09 49.59
CA GLY A 761 1.55 7.34 50.82
C GLY A 761 0.27 7.25 51.63
N SER A 762 -0.58 8.27 51.59
CA SER A 762 -1.79 8.28 52.41
C SER A 762 -2.74 7.18 51.95
N GLU A 763 -3.88 7.09 52.66
CA GLU A 763 -4.92 6.15 52.26
C GLU A 763 -5.50 6.54 50.91
N GLN A 764 -5.84 7.82 50.74
CA GLN A 764 -6.33 8.26 49.44
C GLN A 764 -5.23 8.24 48.39
N GLY A 765 -3.97 8.38 48.82
CA GLY A 765 -2.87 8.32 47.88
C GLY A 765 -2.72 6.95 47.24
N ARG A 766 -2.85 5.89 48.06
CA ARG A 766 -2.77 4.54 47.51
C ARG A 766 -3.92 4.26 46.55
N ALA A 767 -5.09 4.83 46.83
CA ALA A 767 -6.23 4.63 45.94
C ALA A 767 -6.00 5.30 44.59
N VAL A 768 -5.42 6.50 44.60
CA VAL A 768 -5.09 7.17 43.34
C VAL A 768 -3.96 6.44 42.64
N ALA A 769 -2.94 6.03 43.39
CA ALA A 769 -1.86 5.25 42.80
C ALA A 769 -2.39 3.99 42.15
N GLN A 770 -3.37 3.34 42.78
CA GLN A 770 -3.97 2.17 42.18
C GLN A 770 -4.71 2.52 40.90
N GLU A 771 -5.37 3.68 40.87
CA GLU A 771 -6.05 4.11 39.65
C GLU A 771 -5.06 4.35 38.52
N VAL A 772 -3.95 5.04 38.81
CA VAL A 772 -2.90 5.28 37.83
C VAL A 772 -2.40 3.96 37.27
N LEU A 773 -1.92 3.06 38.14
CA LEU A 773 -1.30 1.83 37.68
C LEU A 773 -2.27 0.97 36.87
N GLU A 774 -3.52 0.85 37.33
CA GLU A 774 -4.49 0.04 36.59
C GLU A 774 -4.77 0.63 35.22
N ALA A 775 -4.67 1.95 35.09
CA ALA A 775 -4.89 2.54 33.77
C ALA A 775 -3.65 2.40 32.90
N ALA A 776 -2.46 2.66 33.47
CA ALA A 776 -1.23 2.56 32.70
C ALA A 776 -1.04 1.17 32.08
N VAL A 777 -1.21 0.10 32.87
CA VAL A 777 -1.00 -1.22 32.28
C VAL A 777 -2.05 -1.53 31.23
N ARG A 778 -3.27 -1.00 31.38
CA ARG A 778 -4.25 -1.23 30.34
C ARG A 778 -3.98 -0.35 29.11
N LEU A 779 -3.32 0.78 29.29
CA LEU A 779 -3.05 1.67 28.15
C LEU A 779 -1.90 1.16 27.30
N LEU A 780 -1.04 0.31 27.86
CA LEU A 780 0.12 -0.22 27.14
C LEU A 780 -0.07 -1.64 26.69
N TRP A 781 -1.06 -2.33 27.24
CA TRP A 781 -1.42 -3.69 26.88
C TRP A 781 -1.43 -3.91 25.37
N PRO A 782 -1.99 -2.99 24.57
CA PRO A 782 -1.93 -3.19 23.10
C PRO A 782 -0.52 -3.25 22.55
N ILE A 783 0.45 -2.62 23.21
CA ILE A 783 1.82 -2.59 22.71
C ILE A 783 2.66 -3.70 23.34
N VAL A 784 2.61 -3.82 24.67
CA VAL A 784 3.39 -4.83 25.39
C VAL A 784 2.45 -5.64 26.27
N PRO A 785 1.66 -6.55 25.69
CA PRO A 785 0.61 -7.22 26.48
C PRO A 785 1.16 -8.20 27.50
N HIS A 786 2.35 -8.75 27.30
CA HIS A 786 2.85 -9.79 28.20
C HIS A 786 3.12 -9.23 29.60
N ILE A 787 3.92 -8.16 29.68
CA ILE A 787 4.19 -7.56 30.98
C ILE A 787 2.92 -6.93 31.56
N CYS A 788 2.05 -6.37 30.71
CA CYS A 788 0.84 -5.72 31.22
C CYS A 788 -0.16 -6.74 31.76
N GLU A 789 -0.35 -7.84 31.04
CA GLU A 789 -1.20 -8.91 31.55
C GLU A 789 -0.68 -9.40 32.90
N THR A 790 0.64 -9.55 33.03
CA THR A 790 1.23 -10.05 34.26
C THR A 790 1.05 -9.06 35.40
N LEU A 791 1.46 -7.80 35.18
CA LEU A 791 1.29 -6.78 36.21
C LEU A 791 -0.17 -6.63 36.61
N TRP A 792 -1.08 -6.72 35.64
CA TRP A 792 -2.49 -6.49 35.91
C TRP A 792 -3.02 -7.44 36.98
N SER A 793 -2.90 -8.75 36.75
CA SER A 793 -3.40 -9.75 37.69
C SER A 793 -2.71 -9.68 39.04
N GLU A 794 -1.57 -8.98 39.14
CA GLU A 794 -0.95 -8.67 40.41
C GLU A 794 -1.55 -7.41 41.07
N LEU A 795 -2.35 -6.66 40.34
CA LEU A 795 -3.01 -5.46 40.85
C LEU A 795 -4.50 -5.66 41.09
N ASN A 796 -5.13 -6.53 40.31
CA ASN A 796 -6.59 -6.64 40.25
C ASN A 796 -6.95 -8.05 39.80
N GLY A 797 -7.99 -8.61 40.39
CA GLY A 797 -8.36 -9.99 40.14
C GLY A 797 -9.31 -10.25 39.00
N ALA A 798 -9.82 -9.21 38.35
CA ALA A 798 -10.73 -9.37 37.23
C ALA A 798 -9.94 -9.61 35.94
N LYS A 799 -10.61 -10.19 34.95
CA LYS A 799 -9.98 -10.37 33.65
C LYS A 799 -9.72 -9.00 33.03
N LEU A 800 -8.50 -8.80 32.54
CA LEU A 800 -8.17 -7.49 31.98
C LEU A 800 -9.06 -7.14 30.78
N TRP A 801 -9.31 -8.12 29.91
CA TRP A 801 -10.15 -7.84 28.76
C TRP A 801 -11.60 -7.58 29.15
N GLU A 802 -12.02 -8.03 30.34
CA GLU A 802 -13.38 -7.77 30.81
C GLU A 802 -13.50 -6.41 31.49
N ALA A 803 -12.43 -5.93 32.12
CA ALA A 803 -12.44 -4.57 32.66
C ALA A 803 -12.43 -3.53 31.55
N GLY A 804 -11.83 -3.86 30.42
CA GLY A 804 -11.94 -3.02 29.25
C GLY A 804 -11.06 -1.79 29.28
N TRP A 805 -11.15 -1.04 28.20
CA TRP A 805 -10.32 0.14 28.00
C TRP A 805 -10.64 1.18 29.08
N PRO A 806 -9.65 1.89 29.61
CA PRO A 806 -9.92 2.86 30.67
C PRO A 806 -10.80 3.99 30.14
N THR A 807 -11.77 4.41 30.97
CA THR A 807 -12.63 5.53 30.64
C THR A 807 -12.03 6.83 31.14
N VAL A 808 -12.33 7.91 30.44
CA VAL A 808 -11.88 9.25 30.81
C VAL A 808 -12.89 9.81 31.79
N ASP A 809 -12.45 10.01 33.05
CA ASP A 809 -13.25 10.68 34.06
C ASP A 809 -13.19 12.18 33.80
N GLU A 810 -14.24 12.73 33.17
CA GLU A 810 -14.23 14.14 32.82
C GLU A 810 -14.25 15.06 34.04
N ALA A 811 -14.72 14.57 35.19
CA ALA A 811 -14.65 15.38 36.40
C ALA A 811 -13.21 15.62 36.83
N ALA A 812 -12.33 14.64 36.61
CA ALA A 812 -10.93 14.82 36.94
C ALA A 812 -10.27 15.89 36.07
N LEU A 813 -10.90 16.26 34.96
CA LEU A 813 -10.35 17.24 34.03
C LEU A 813 -10.80 18.66 34.31
N VAL A 814 -11.76 18.86 35.20
CA VAL A 814 -12.23 20.20 35.54
C VAL A 814 -11.34 20.72 36.67
N LYS A 815 -10.45 21.66 36.34
CA LYS A 815 -9.55 22.20 37.35
C LYS A 815 -10.23 23.30 38.15
N SER A 816 -9.70 23.55 39.34
CA SER A 816 -10.35 24.44 40.30
C SER A 816 -10.33 25.89 39.82
N GLU A 817 -11.34 26.64 40.24
CA GLU A 817 -11.51 28.03 39.82
C GLU A 817 -10.55 28.95 40.58
N ILE A 818 -10.28 30.11 39.97
CA ILE A 818 -9.43 31.13 40.57
C ILE A 818 -10.15 31.80 41.74
N LYS A 827 -10.05 52.63 43.68
CA LYS A 827 -10.66 51.97 44.83
C LYS A 827 -11.02 50.51 44.51
N LEU A 828 -10.51 49.60 45.35
CA LEU A 828 -10.84 48.19 45.18
C LEU A 828 -12.33 47.98 45.39
N ARG A 829 -13.06 47.69 44.31
CA ARG A 829 -14.51 47.67 44.39
C ARG A 829 -15.06 46.36 44.94
N GLY A 830 -14.44 45.23 44.61
CA GLY A 830 -14.92 43.95 45.09
C GLY A 830 -14.08 42.81 44.60
N LYS A 831 -14.68 41.62 44.58
CA LYS A 831 -13.99 40.40 44.17
C LYS A 831 -14.98 39.47 43.50
N ILE A 832 -14.53 38.79 42.44
CA ILE A 832 -15.35 37.89 41.64
C ILE A 832 -14.61 36.56 41.51
N THR A 833 -15.36 35.52 41.18
CA THR A 833 -14.82 34.17 40.97
C THR A 833 -15.05 33.76 39.53
N VAL A 834 -13.98 33.41 38.83
CA VAL A 834 -14.03 32.97 37.45
C VAL A 834 -13.37 31.59 37.35
N ALA A 835 -13.51 30.98 36.18
CA ALA A 835 -12.90 29.68 35.96
C ALA A 835 -11.40 29.82 35.76
N ALA A 836 -10.69 28.71 35.92
CA ALA A 836 -9.24 28.71 35.69
C ALA A 836 -8.91 28.74 34.21
N ASP A 837 -9.75 28.13 33.37
CA ASP A 837 -9.59 28.18 31.91
C ASP A 837 -10.55 29.18 31.30
N ALA A 838 -10.75 30.32 31.96
CA ALA A 838 -11.69 31.33 31.49
C ALA A 838 -11.07 32.16 30.37
N SER A 839 -11.85 33.09 29.84
CA SER A 839 -11.40 33.98 28.77
C SER A 839 -11.02 35.34 29.34
N LYS A 840 -10.26 36.10 28.55
CA LYS A 840 -9.92 37.46 28.92
C LYS A 840 -11.16 38.34 28.97
N ALA A 841 -12.15 38.04 28.13
CA ALA A 841 -13.45 38.69 28.23
C ALA A 841 -14.32 38.06 29.30
N ASP A 842 -14.04 36.82 29.69
CA ASP A 842 -14.81 36.17 30.75
C ASP A 842 -14.60 36.89 32.09
N LEU A 843 -13.35 37.13 32.47
CA LEU A 843 -13.07 37.86 33.70
C LEU A 843 -13.58 39.30 33.60
N GLU A 844 -13.20 40.00 32.52
CA GLU A 844 -13.57 41.40 32.36
C GLU A 844 -15.08 41.60 32.27
N ALA A 845 -15.82 40.59 31.80
CA ALA A 845 -17.28 40.71 31.75
C ALA A 845 -17.88 40.73 33.15
N ALA A 846 -17.36 39.89 34.05
CA ALA A 846 -17.87 39.87 35.41
C ALA A 846 -17.44 41.09 36.21
N ALA A 847 -16.43 41.83 35.73
CA ALA A 847 -15.99 43.04 36.43
C ALA A 847 -17.02 44.15 36.31
N LEU A 848 -17.55 44.38 35.09
CA LEU A 848 -18.58 45.38 34.87
C LEU A 848 -19.98 44.91 35.25
N ALA A 849 -20.08 43.82 36.01
CA ALA A 849 -21.35 43.37 36.58
C ALA A 849 -21.23 43.06 38.06
N ASN A 850 -20.14 43.47 38.69
CA ASN A 850 -19.94 43.27 40.12
C ASN A 850 -20.69 44.31 40.93
N GLU A 851 -21.19 43.91 42.09
CA GLU A 851 -22.00 44.80 42.92
C GLU A 851 -21.19 46.01 43.36
N GLY A 852 -20.06 45.78 44.03
CA GLY A 852 -19.21 46.87 44.46
C GLY A 852 -18.64 47.70 43.33
N ALA A 853 -18.60 47.14 42.12
CA ALA A 853 -18.15 47.90 40.96
C ALA A 853 -19.16 48.97 40.55
N VAL A 854 -20.42 48.56 40.34
CA VAL A 854 -21.44 49.50 39.92
C VAL A 854 -21.72 50.52 41.03
N LYS A 855 -21.51 50.15 42.28
CA LYS A 855 -21.69 51.09 43.38
C LYS A 855 -20.66 52.21 43.33
N PHE A 856 -19.45 51.93 42.86
CA PHE A 856 -18.40 52.93 42.76
C PHE A 856 -18.14 53.34 41.31
N MET A 857 -19.15 53.26 40.46
CA MET A 857 -19.00 53.55 39.03
C MET A 857 -19.91 54.66 38.53
N GLU A 858 -21.17 54.68 38.96
CA GLU A 858 -22.14 55.71 38.54
C GLU A 858 -22.29 55.75 37.02
N GLY A 859 -22.47 54.57 36.42
CA GLY A 859 -22.69 54.46 35.00
C GLY A 859 -21.50 54.88 34.15
N LYS A 864 -10.74 51.90 29.20
CA LYS A 864 -9.99 50.65 29.36
C LYS A 864 -10.32 49.98 30.69
N ILE A 865 -10.21 48.65 30.71
CA ILE A 865 -10.53 47.85 31.88
C ILE A 865 -9.28 47.03 32.20
N ILE A 866 -8.45 47.53 33.10
CA ILE A 866 -7.18 46.89 33.44
C ILE A 866 -7.43 45.59 34.19
N VAL A 867 -7.51 44.49 33.46
CA VAL A 867 -7.80 43.18 34.04
C VAL A 867 -6.48 42.43 34.21
N VAL A 868 -6.06 42.25 35.46
CA VAL A 868 -4.85 41.51 35.79
C VAL A 868 -5.26 40.06 36.12
N PRO A 869 -5.00 39.09 35.25
CA PRO A 869 -5.42 37.70 35.54
C PRO A 869 -4.77 37.19 36.81
N GLY A 870 -5.61 36.79 37.76
CA GLY A 870 -5.13 36.28 39.03
C GLY A 870 -4.94 37.31 40.11
N ARG A 871 -5.41 38.54 39.92
CA ARG A 871 -5.29 39.58 40.93
C ARG A 871 -6.48 40.54 40.87
N LEU A 872 -6.40 41.56 40.02
CA LEU A 872 -7.42 42.58 39.94
C LEU A 872 -7.94 42.69 38.51
N VAL A 873 -9.09 43.35 38.37
CA VAL A 873 -9.65 43.65 37.05
C VAL A 873 -10.23 45.06 37.09
N ASN A 874 -9.39 46.04 37.39
CA ASN A 874 -9.85 47.41 37.58
C ASN A 874 -10.44 48.00 36.30
N ILE A 875 -11.49 48.80 36.47
CA ILE A 875 -12.14 49.50 35.38
C ILE A 875 -12.08 50.99 35.68
N VAL A 876 -11.32 51.73 34.88
CA VAL A 876 -11.21 53.17 35.05
C VAL A 876 -12.53 53.85 34.73
#